data_4ABX
#
_entry.id   4ABX
#
_cell.length_a   73.210
_cell.length_b   43.970
_cell.length_c   133.630
_cell.angle_alpha   90.00
_cell.angle_beta   97.71
_cell.angle_gamma   90.00
#
_symmetry.space_group_name_H-M   'P 1 21 1'
#
loop_
_entity.id
_entity.type
_entity.pdbx_description
1 polymer 'DNA REPAIR PROTEIN RECN'
2 water water
#
_entity_poly.entity_id   1
_entity_poly.type   'polypeptide(L)'
_entity_poly.pdbx_seq_one_letter_code
;GIDPFTQRERARQIDLLAFQVQEISEVSPDPGEEEGLNTELSRLSNLHTIAQAAAGGVELLSDGDLNAAGLIGEAVRALN
AGAKYDETVMQLQNELRAALESVQAIAGELRDVAEGSAADPEALDRVEARLSALSKLKNKYGPTLEDVVEFGAQAAEELA
GLEEDERDAGSLQAD
;
_entity_poly.pdbx_strand_id   A,B,C,D
#
# COMPACT_ATOMS: atom_id res chain seq x y z
N PHE A 5 37.31 32.10 33.24
CA PHE A 5 38.32 31.99 32.19
C PHE A 5 38.81 30.56 32.08
N THR A 6 39.95 30.27 32.69
CA THR A 6 40.34 28.88 32.86
C THR A 6 39.32 28.28 33.82
N GLN A 7 38.74 29.15 34.66
CA GLN A 7 37.67 28.75 35.57
C GLN A 7 36.41 28.32 34.82
N ARG A 8 35.98 29.09 33.83
CA ARG A 8 34.88 28.68 32.97
C ARG A 8 35.21 27.37 32.26
N GLU A 9 36.45 27.25 31.80
CA GLU A 9 36.90 26.05 31.10
C GLU A 9 36.86 24.82 32.00
N ARG A 10 37.22 24.99 33.27
CA ARG A 10 37.17 23.90 34.22
C ARG A 10 35.74 23.44 34.47
N ALA A 11 34.82 24.41 34.58
CA ALA A 11 33.41 24.09 34.81
C ALA A 11 32.87 23.24 33.66
N ARG A 12 33.22 23.63 32.44
CA ARG A 12 32.76 22.88 31.26
C ARG A 12 33.41 21.50 31.20
N GLN A 13 34.67 21.41 31.61
CA GLN A 13 35.36 20.12 31.58
C GLN A 13 34.72 19.15 32.59
N ILE A 14 34.31 19.68 33.74
CA ILE A 14 33.60 18.88 34.74
C ILE A 14 32.31 18.29 34.17
N ASP A 15 31.54 19.09 33.43
CA ASP A 15 30.30 18.61 32.82
C ASP A 15 30.58 17.55 31.76
N LEU A 16 31.61 17.78 30.95
CA LEU A 16 32.02 16.84 29.92
C LEU A 16 32.32 15.45 30.52
N LEU A 17 33.18 15.43 31.52
CA LEU A 17 33.63 14.18 32.11
C LEU A 17 32.49 13.46 32.84
N ALA A 18 31.70 14.23 33.59
CA ALA A 18 30.58 13.66 34.32
C ALA A 18 29.63 12.96 33.34
N PHE A 19 29.40 13.58 32.18
CA PHE A 19 28.51 13.03 31.16
C PHE A 19 29.08 11.75 30.56
N GLN A 20 30.38 11.74 30.31
CA GLN A 20 31.03 10.56 29.76
C GLN A 20 31.02 9.39 30.74
N VAL A 21 31.28 9.67 32.01
CA VAL A 21 31.25 8.66 33.05
C VAL A 21 29.86 8.06 33.22
N GLN A 22 28.85 8.93 33.24
CA GLN A 22 27.46 8.49 33.32
C GLN A 22 27.10 7.60 32.14
N GLU A 23 27.47 8.02 30.93
CA GLU A 23 27.12 7.26 29.72
C GLU A 23 27.64 5.83 29.79
N ILE A 24 28.93 5.70 30.12
CA ILE A 24 29.57 4.40 30.24
C ILE A 24 28.98 3.56 31.38
N SER A 25 28.68 4.19 32.50
CA SER A 25 28.23 3.47 33.68
C SER A 25 26.80 2.94 33.49
N GLU A 26 25.98 3.70 32.77
CA GLU A 26 24.60 3.28 32.53
C GLU A 26 24.52 2.02 31.67
N VAL A 27 25.50 1.84 30.80
CA VAL A 27 25.55 0.66 29.92
C VAL A 27 26.28 -0.48 30.61
N SER A 28 27.27 -0.12 31.43
CA SER A 28 28.03 -1.08 32.21
C SER A 28 28.68 -2.17 31.36
N PRO A 29 29.57 -1.78 30.45
CA PRO A 29 30.24 -2.74 29.55
C PRO A 29 31.11 -3.74 30.32
N ASP A 30 30.96 -5.01 29.98
CA ASP A 30 31.71 -6.08 30.63
C ASP A 30 32.61 -6.77 29.61
N PRO A 31 33.88 -6.34 29.55
CA PRO A 31 34.79 -6.87 28.52
C PRO A 31 34.68 -8.39 28.44
N GLY A 32 34.57 -8.90 27.22
CA GLY A 32 34.40 -10.34 27.02
C GLY A 32 32.97 -10.77 26.70
N GLU A 33 31.99 -9.98 27.12
CA GLU A 33 30.58 -10.35 26.94
C GLU A 33 30.18 -10.48 25.47
N GLU A 34 30.94 -9.87 24.57
CA GLU A 34 30.58 -9.87 23.16
C GLU A 34 30.71 -11.23 22.50
N GLU A 35 31.55 -12.09 23.07
CA GLU A 35 31.71 -13.45 22.54
C GLU A 35 30.41 -14.24 22.60
N GLY A 36 29.79 -14.25 23.78
CA GLY A 36 28.51 -14.90 23.97
C GLY A 36 27.41 -14.26 23.13
N LEU A 37 27.38 -12.94 23.12
CA LEU A 37 26.38 -12.22 22.32
C LEU A 37 26.46 -12.59 20.83
N ASN A 38 27.67 -12.58 20.28
CA ASN A 38 27.89 -12.90 18.88
C ASN A 38 27.47 -14.32 18.53
N THR A 39 27.81 -15.25 19.43
CA THR A 39 27.43 -16.64 19.25
C THR A 39 25.91 -16.80 19.26
N GLU A 40 25.25 -16.12 20.19
CA GLU A 40 23.80 -16.17 20.31
C GLU A 40 23.10 -15.45 19.14
N LEU A 41 23.69 -14.35 18.68
CA LEU A 41 23.19 -13.64 17.50
C LEU A 41 23.15 -14.55 16.26
N SER A 42 24.24 -15.28 16.02
CA SER A 42 24.29 -16.20 14.88
C SER A 42 23.26 -17.32 15.05
N ARG A 43 23.17 -17.87 16.26
CA ARG A 43 22.24 -18.97 16.52
C ARG A 43 20.82 -18.54 16.22
N LEU A 44 20.42 -17.36 16.71
CA LEU A 44 19.06 -16.87 16.54
C LEU A 44 18.79 -16.39 15.11
N SER A 45 19.76 -15.72 14.52
CA SER A 45 19.60 -15.26 13.14
C SER A 45 19.42 -16.47 12.22
N ASN A 46 20.22 -17.51 12.44
CA ASN A 46 20.09 -18.72 11.62
C ASN A 46 18.72 -19.39 11.75
N LEU A 47 18.17 -19.41 12.97
CA LEU A 47 16.83 -19.95 13.17
C LEU A 47 15.81 -19.11 12.40
N HIS A 48 16.01 -17.79 12.36
CA HIS A 48 15.15 -16.91 11.61
C HIS A 48 15.20 -17.21 10.12
N THR A 49 16.41 -17.40 9.61
CA THR A 49 16.61 -17.73 8.20
C THR A 49 15.87 -19.01 7.81
N ILE A 50 16.01 -20.04 8.63
CA ILE A 50 15.35 -21.32 8.40
C ILE A 50 13.83 -21.17 8.36
N ALA A 51 13.27 -20.43 9.32
CA ALA A 51 11.83 -20.27 9.41
C ALA A 51 11.30 -19.44 8.24
N GLN A 52 12.06 -18.42 7.87
CA GLN A 52 11.70 -17.55 6.75
C GLN A 52 11.80 -18.33 5.44
N ALA A 53 12.80 -19.21 5.34
CA ALA A 53 12.95 -20.03 4.15
C ALA A 53 11.76 -20.97 3.97
N ALA A 54 11.38 -21.65 5.05
CA ALA A 54 10.23 -22.56 5.03
C ALA A 54 8.92 -21.83 4.74
N ALA A 55 8.79 -20.60 5.26
CA ALA A 55 7.58 -19.81 4.99
C ALA A 55 7.49 -19.41 3.52
N GLY A 56 8.60 -18.96 2.96
CA GLY A 56 8.65 -18.57 1.56
C GLY A 56 8.31 -19.73 0.64
N GLY A 57 8.85 -20.91 0.95
CA GLY A 57 8.58 -22.10 0.16
C GLY A 57 7.11 -22.50 0.17
N VAL A 58 6.51 -22.44 1.35
CA VAL A 58 5.10 -22.75 1.50
C VAL A 58 4.25 -21.81 0.65
N GLU A 59 4.58 -20.52 0.68
CA GLU A 59 3.86 -19.51 -0.10
C GLU A 59 3.91 -19.81 -1.61
N LEU A 60 5.10 -20.10 -2.12
CA LEU A 60 5.29 -20.31 -3.56
C LEU A 60 4.79 -21.66 -4.05
N LEU A 61 4.82 -22.67 -3.19
CA LEU A 61 4.41 -24.00 -3.60
C LEU A 61 2.91 -24.20 -3.46
N SER A 62 2.29 -23.47 -2.54
CA SER A 62 0.95 -23.84 -2.09
C SER A 62 0.01 -22.69 -1.71
N ASP A 63 0.45 -21.80 -0.83
CA ASP A 63 -0.45 -20.83 -0.21
C ASP A 63 -0.65 -19.51 -0.94
N GLY A 64 0.34 -19.09 -1.73
CA GLY A 64 0.24 -17.84 -2.46
C GLY A 64 -0.95 -17.85 -3.40
N ASP A 65 -1.45 -16.68 -3.75
CA ASP A 65 -2.55 -16.58 -4.71
C ASP A 65 -2.14 -17.28 -5.99
N LEU A 66 -0.90 -17.07 -6.39
CA LEU A 66 -0.28 -17.83 -7.47
C LEU A 66 0.70 -18.82 -6.85
N ASN A 67 0.46 -20.11 -7.05
CA ASN A 67 1.32 -21.13 -6.46
C ASN A 67 1.57 -22.32 -7.39
N ALA A 68 2.65 -23.04 -7.12
CA ALA A 68 3.06 -24.16 -7.96
C ALA A 68 2.00 -25.26 -8.05
N ALA A 69 1.47 -25.68 -6.91
CA ALA A 69 0.49 -26.76 -6.88
C ALA A 69 -0.75 -26.40 -7.71
N GLY A 70 -1.19 -25.15 -7.60
CA GLY A 70 -2.33 -24.67 -8.36
C GLY A 70 -2.10 -24.77 -9.86
N LEU A 71 -0.92 -24.39 -10.31
CA LEU A 71 -0.62 -24.46 -11.74
C LEU A 71 -0.50 -25.89 -12.24
N ILE A 72 0.11 -26.75 -11.45
CA ILE A 72 0.19 -28.16 -11.79
C ILE A 72 -1.20 -28.74 -11.94
N GLY A 73 -2.10 -28.37 -11.03
CA GLY A 73 -3.47 -28.82 -11.06
C GLY A 73 -4.21 -28.40 -12.31
N GLU A 74 -3.99 -27.15 -12.74
CA GLU A 74 -4.59 -26.67 -13.97
C GLU A 74 -4.10 -27.49 -15.16
N ALA A 75 -2.80 -27.77 -15.17
CA ALA A 75 -2.17 -28.56 -16.22
C ALA A 75 -2.71 -29.98 -16.25
N VAL A 76 -2.96 -30.55 -15.07
CA VAL A 76 -3.56 -31.87 -15.00
C VAL A 76 -4.93 -31.86 -15.65
N ARG A 77 -5.73 -30.85 -15.34
CA ARG A 77 -7.06 -30.73 -15.93
C ARG A 77 -7.01 -30.49 -17.44
N ALA A 78 -6.03 -29.70 -17.89
CA ALA A 78 -5.84 -29.44 -19.31
C ALA A 78 -5.58 -30.73 -20.09
N LEU A 79 -4.99 -31.73 -19.42
CA LEU A 79 -4.68 -33.00 -20.06
C LEU A 79 -5.88 -33.95 -20.16
N ASN A 80 -6.95 -33.68 -19.40
CA ASN A 80 -8.12 -34.56 -19.38
C ASN A 80 -8.60 -35.01 -20.76
N ALA A 81 -8.84 -34.06 -21.65
CA ALA A 81 -9.44 -34.37 -22.95
C ALA A 81 -8.51 -35.21 -23.81
N GLY A 82 -7.21 -34.96 -23.67
CA GLY A 82 -6.22 -35.73 -24.42
C GLY A 82 -6.04 -37.13 -23.87
N ALA A 83 -6.12 -37.25 -22.55
CA ALA A 83 -5.87 -38.54 -21.89
C ALA A 83 -6.95 -39.55 -22.24
N LYS A 84 -8.12 -39.05 -22.62
CA LYS A 84 -9.25 -39.90 -22.97
C LYS A 84 -8.94 -40.79 -24.17
N TYR A 85 -8.04 -40.32 -25.04
CA TYR A 85 -7.84 -40.96 -26.34
C TYR A 85 -6.40 -41.39 -26.56
N ASP A 86 -5.50 -40.96 -25.69
CA ASP A 86 -4.09 -41.27 -25.92
C ASP A 86 -3.40 -41.87 -24.68
N GLU A 87 -2.87 -43.07 -24.85
CA GLU A 87 -2.23 -43.79 -23.74
C GLU A 87 -1.02 -43.01 -23.20
N THR A 88 -0.25 -42.42 -24.09
CA THR A 88 0.94 -41.66 -23.70
C THR A 88 0.57 -40.40 -22.91
N VAL A 89 -0.39 -39.62 -23.39
CA VAL A 89 -0.88 -38.48 -22.63
C VAL A 89 -1.44 -38.92 -21.28
N MET A 90 -2.24 -39.98 -21.26
CA MET A 90 -2.78 -40.49 -20.01
C MET A 90 -1.66 -40.81 -19.02
N GLN A 91 -0.62 -41.47 -19.49
CA GLN A 91 0.51 -41.81 -18.63
C GLN A 91 1.22 -40.57 -18.06
N LEU A 92 1.52 -39.60 -18.93
CA LEU A 92 2.14 -38.36 -18.48
C LEU A 92 1.27 -37.62 -17.47
N GLN A 93 -0.04 -37.67 -17.68
CA GLN A 93 -0.98 -37.05 -16.73
C GLN A 93 -0.86 -37.69 -15.36
N ASN A 94 -0.77 -39.01 -15.34
CA ASN A 94 -0.60 -39.74 -14.09
C ASN A 94 0.73 -39.44 -13.40
N GLU A 95 1.80 -39.36 -14.19
CA GLU A 95 3.09 -38.93 -13.66
C GLU A 95 3.02 -37.51 -13.10
N LEU A 96 2.19 -36.66 -13.72
CA LEU A 96 2.04 -35.28 -13.29
C LEU A 96 1.28 -35.19 -11.96
N ARG A 97 0.26 -36.04 -11.80
CA ARG A 97 -0.43 -36.17 -10.52
C ARG A 97 0.54 -36.53 -9.40
N ALA A 98 1.44 -37.47 -9.68
CA ALA A 98 2.47 -37.87 -8.71
C ALA A 98 3.38 -36.69 -8.36
N ALA A 99 3.74 -35.89 -9.36
CA ALA A 99 4.56 -34.72 -9.10
C ALA A 99 3.82 -33.72 -8.21
N LEU A 100 2.52 -33.55 -8.46
CA LEU A 100 1.68 -32.68 -7.65
C LEU A 100 1.65 -33.14 -6.21
N GLU A 101 1.46 -34.44 -6.01
CA GLU A 101 1.44 -34.99 -4.67
C GLU A 101 2.76 -34.72 -3.94
N SER A 102 3.87 -34.89 -4.64
N SER A 102 3.87 -34.89 -4.64
CA SER A 102 5.19 -34.64 -4.06
CA SER A 102 5.19 -34.64 -4.08
C SER A 102 5.37 -33.17 -3.66
C SER A 102 5.33 -33.18 -3.64
N VAL A 103 4.86 -32.27 -4.48
CA VAL A 103 4.96 -30.84 -4.21
C VAL A 103 4.13 -30.46 -2.99
N GLN A 104 2.93 -31.03 -2.89
N GLN A 104 2.92 -31.01 -2.88
CA GLN A 104 2.04 -30.78 -1.77
CA GLN A 104 2.06 -30.73 -1.74
C GLN A 104 2.63 -31.35 -0.48
C GLN A 104 2.62 -31.35 -0.47
N ALA A 105 3.18 -32.56 -0.59
CA ALA A 105 3.80 -33.21 0.55
C ALA A 105 4.96 -32.36 1.07
N ILE A 106 5.78 -31.88 0.13
CA ILE A 106 6.91 -31.03 0.49
C ILE A 106 6.44 -29.74 1.16
N ALA A 107 5.40 -29.13 0.61
CA ALA A 107 4.83 -27.93 1.21
C ALA A 107 4.34 -28.19 2.63
N GLY A 108 3.82 -29.39 2.87
CA GLY A 108 3.38 -29.78 4.19
C GLY A 108 4.51 -29.89 5.21
N GLU A 109 5.62 -30.51 4.80
CA GLU A 109 6.77 -30.64 5.69
C GLU A 109 7.39 -29.28 6.00
N LEU A 110 7.43 -28.43 4.98
CA LEU A 110 7.92 -27.06 5.16
C LEU A 110 7.08 -26.32 6.19
N ARG A 111 5.76 -26.47 6.09
CA ARG A 111 4.87 -25.82 7.03
C ARG A 111 5.16 -26.29 8.45
N ASP A 112 5.49 -27.58 8.59
CA ASP A 112 5.88 -28.15 9.87
C ASP A 112 7.18 -27.51 10.39
N VAL A 113 8.13 -27.28 9.48
CA VAL A 113 9.38 -26.65 9.88
C VAL A 113 9.11 -25.27 10.48
N ALA A 114 8.30 -24.48 9.76
CA ALA A 114 7.97 -23.14 10.22
C ALA A 114 7.20 -23.18 11.53
N GLU A 115 6.18 -24.04 11.59
CA GLU A 115 5.33 -24.12 12.76
C GLU A 115 6.08 -24.58 14.02
N GLY A 116 7.13 -25.37 13.82
CA GLY A 116 7.87 -25.93 14.94
C GLY A 116 9.16 -25.20 15.27
N SER A 117 9.39 -24.10 14.56
CA SER A 117 10.61 -23.32 14.70
C SER A 117 10.88 -22.89 16.15
N ALA A 118 12.15 -22.93 16.54
CA ALA A 118 12.57 -22.42 17.84
C ALA A 118 13.09 -20.99 17.70
N ALA A 119 12.79 -20.36 16.56
CA ALA A 119 13.17 -18.97 16.36
C ALA A 119 12.56 -18.13 17.47
N ASP A 120 13.31 -17.14 17.94
CA ASP A 120 12.87 -16.28 19.02
C ASP A 120 13.15 -14.82 18.67
N PRO A 121 12.20 -14.18 17.98
CA PRO A 121 12.34 -12.79 17.55
C PRO A 121 12.59 -11.86 18.73
N GLU A 122 12.02 -12.19 19.89
CA GLU A 122 12.18 -11.38 21.10
C GLU A 122 13.63 -11.40 21.60
N ALA A 123 14.20 -12.60 21.65
CA ALA A 123 15.56 -12.75 22.14
C ALA A 123 16.54 -12.12 21.16
N LEU A 124 16.33 -12.37 19.88
CA LEU A 124 17.18 -11.82 18.83
C LEU A 124 17.29 -10.30 18.90
N ASP A 125 16.15 -9.62 18.97
CA ASP A 125 16.13 -8.16 19.08
C ASP A 125 16.86 -7.65 20.33
N ARG A 126 16.79 -8.41 21.41
CA ARG A 126 17.45 -8.02 22.64
C ARG A 126 18.97 -8.19 22.54
N VAL A 127 19.39 -9.23 21.84
CA VAL A 127 20.81 -9.46 21.61
C VAL A 127 21.39 -8.36 20.73
N GLU A 128 20.64 -7.97 19.71
CA GLU A 128 21.07 -6.88 18.83
C GLU A 128 21.12 -5.56 19.58
N ALA A 129 20.14 -5.32 20.44
CA ALA A 129 20.09 -4.08 21.22
C ALA A 129 21.31 -3.94 22.13
N ARG A 130 21.74 -5.04 22.75
CA ARG A 130 22.92 -5.01 23.60
C ARG A 130 24.18 -4.74 22.78
N LEU A 131 24.30 -5.44 21.66
CA LEU A 131 25.45 -5.28 20.76
C LEU A 131 25.52 -3.86 20.21
N SER A 132 24.35 -3.29 19.93
CA SER A 132 24.28 -1.92 19.44
C SER A 132 24.73 -0.93 20.51
N ALA A 133 24.33 -1.20 21.76
CA ALA A 133 24.71 -0.31 22.86
C ALA A 133 26.21 -0.37 23.09
N LEU A 134 26.78 -1.57 23.01
CA LEU A 134 28.22 -1.73 23.18
C LEU A 134 29.00 -1.08 22.02
N SER A 135 28.47 -1.22 20.80
CA SER A 135 29.08 -0.62 19.62
C SER A 135 29.12 0.91 19.69
N LYS A 136 28.02 1.51 20.14
CA LYS A 136 27.98 2.96 20.31
C LYS A 136 29.07 3.44 21.27
N LEU A 137 29.30 2.68 22.34
CA LEU A 137 30.35 3.02 23.31
C LEU A 137 31.75 2.90 22.72
N LYS A 138 31.97 1.82 21.95
CA LYS A 138 33.27 1.59 21.32
C LYS A 138 33.57 2.66 20.26
N ASN A 139 32.52 3.17 19.61
CA ASN A 139 32.66 4.24 18.62
C ASN A 139 33.11 5.59 19.21
N LYS A 140 32.88 5.77 20.51
CA LYS A 140 33.28 7.00 21.19
C LYS A 140 34.54 6.81 22.05
N TYR A 141 34.62 5.68 22.73
CA TYR A 141 35.62 5.47 23.77
C TYR A 141 36.50 4.25 23.54
N GLY A 142 36.34 3.59 22.39
CA GLY A 142 36.95 2.30 22.11
C GLY A 142 38.43 2.35 21.80
N PRO A 143 38.93 1.41 20.95
CA PRO A 143 38.25 0.44 20.09
C PRO A 143 37.57 -0.74 20.80
N THR A 144 38.15 -1.27 21.87
CA THR A 144 37.60 -2.45 22.53
C THR A 144 36.87 -2.05 23.81
N LEU A 145 36.09 -2.97 24.37
CA LEU A 145 35.39 -2.72 25.63
C LEU A 145 36.39 -2.46 26.75
N GLU A 146 37.54 -3.12 26.68
CA GLU A 146 38.62 -2.85 27.62
C GLU A 146 38.99 -1.36 27.57
N ASP A 147 39.18 -0.84 26.36
CA ASP A 147 39.52 0.57 26.19
C ASP A 147 38.42 1.46 26.76
N VAL A 148 37.16 1.07 26.53
CA VAL A 148 36.02 1.85 27.01
C VAL A 148 36.01 1.93 28.54
N VAL A 149 36.27 0.80 29.18
CA VAL A 149 36.28 0.75 30.64
C VAL A 149 37.42 1.61 31.18
N GLU A 150 38.59 1.48 30.56
CA GLU A 150 39.74 2.29 30.92
C GLU A 150 39.43 3.79 30.75
N PHE A 151 38.81 4.14 29.62
CA PHE A 151 38.45 5.53 29.37
C PHE A 151 37.62 6.09 30.51
N GLY A 152 36.65 5.32 30.98
CA GLY A 152 35.79 5.75 32.07
C GLY A 152 36.49 5.89 33.40
N ALA A 153 37.44 5.00 33.67
CA ALA A 153 38.24 5.06 34.89
C ALA A 153 39.08 6.33 34.93
N GLN A 154 39.75 6.63 33.82
CA GLN A 154 40.55 7.83 33.72
C GLN A 154 39.67 9.07 33.82
N ALA A 155 38.51 9.01 33.19
CA ALA A 155 37.60 10.15 33.22
C ALA A 155 37.14 10.46 34.62
N ALA A 156 36.82 9.41 35.38
CA ALA A 156 36.34 9.55 36.75
C ALA A 156 37.42 10.15 37.65
N GLU A 157 38.65 9.70 37.46
CA GLU A 157 39.77 10.21 38.22
C GLU A 157 40.02 11.69 37.89
N GLU A 158 40.08 12.00 36.60
CA GLU A 158 40.28 13.38 36.20
C GLU A 158 39.19 14.29 36.77
N LEU A 159 37.96 13.81 36.71
CA LEU A 159 36.81 14.54 37.26
C LEU A 159 36.97 14.85 38.75
N ALA A 160 37.46 13.88 39.52
CA ALA A 160 37.64 14.09 40.95
C ALA A 160 38.65 15.19 41.24
N GLY A 161 39.72 15.22 40.44
CA GLY A 161 40.76 16.23 40.64
C GLY A 161 40.24 17.63 40.36
N LEU A 162 39.38 17.74 39.35
CA LEU A 162 38.82 19.05 39.00
C LEU A 162 37.85 19.56 40.05
N GLU A 163 37.00 18.66 40.55
CA GLU A 163 36.06 19.02 41.60
C GLU A 163 36.79 19.48 42.86
N GLU A 164 37.92 18.83 43.17
CA GLU A 164 38.71 19.22 44.33
C GLU A 164 39.33 20.59 44.14
N ASP A 165 39.79 20.88 42.92
CA ASP A 165 40.40 22.17 42.61
C ASP A 165 39.39 23.28 42.82
N GLU A 166 38.14 23.02 42.45
CA GLU A 166 37.07 23.99 42.62
C GLU A 166 36.80 24.27 44.09
N ARG A 167 36.70 23.20 44.89
CA ARG A 167 36.50 23.36 46.32
C ARG A 167 37.67 24.10 46.97
N ASP A 168 38.89 23.79 46.50
CA ASP A 168 40.07 24.48 47.00
C ASP A 168 40.05 25.96 46.62
N ALA A 169 39.48 26.25 45.45
CA ALA A 169 39.45 27.61 44.92
C ALA A 169 38.63 28.56 45.80
N GLY A 170 37.57 28.05 46.41
CA GLY A 170 36.68 28.86 47.21
C GLY A 170 36.86 28.68 48.70
N SER A 171 38.12 28.48 49.12
CA SER A 171 38.46 28.30 50.53
C SER A 171 37.99 26.94 51.05
N THR B 6 -14.93 18.59 88.49
CA THR B 6 -15.32 19.96 88.16
C THR B 6 -14.12 20.89 88.07
N GLN B 7 -13.23 20.82 89.06
CA GLN B 7 -12.00 21.58 89.01
C GLN B 7 -11.21 21.27 87.74
N ARG B 8 -11.11 19.99 87.39
CA ARG B 8 -10.44 19.59 86.16
C ARG B 8 -11.21 20.05 84.93
N GLU B 9 -12.53 19.90 84.96
CA GLU B 9 -13.37 20.36 83.87
C GLU B 9 -13.20 21.85 83.64
N ARG B 10 -13.13 22.62 84.72
CA ARG B 10 -12.92 24.05 84.61
C ARG B 10 -11.57 24.36 83.98
N ALA B 11 -10.54 23.63 84.41
CA ALA B 11 -9.19 23.79 83.88
C ALA B 11 -9.15 23.57 82.37
N ARG B 12 -9.88 22.56 81.91
CA ARG B 12 -9.91 22.23 80.49
C ARG B 12 -10.70 23.27 79.69
N GLN B 13 -11.79 23.75 80.28
CA GLN B 13 -12.59 24.80 79.67
C GLN B 13 -11.78 26.09 79.55
N ILE B 14 -11.01 26.42 80.57
CA ILE B 14 -10.14 27.59 80.49
C ILE B 14 -9.21 27.49 79.28
N ASP B 15 -8.61 26.32 79.07
CA ASP B 15 -7.75 26.08 77.92
C ASP B 15 -8.49 26.21 76.58
N LEU B 16 -9.68 25.64 76.51
CA LEU B 16 -10.50 25.70 75.29
C LEU B 16 -10.80 27.15 74.90
N LEU B 17 -11.32 27.91 75.85
CA LEU B 17 -11.68 29.30 75.59
C LEU B 17 -10.47 30.13 75.16
N ALA B 18 -9.37 29.98 75.87
CA ALA B 18 -8.14 30.72 75.55
C ALA B 18 -7.65 30.41 74.14
N PHE B 19 -7.74 29.15 73.75
CA PHE B 19 -7.39 28.72 72.40
C PHE B 19 -8.25 29.41 71.34
N GLN B 20 -9.56 29.44 71.59
CA GLN B 20 -10.49 30.03 70.65
C GLN B 20 -10.28 31.54 70.54
N VAL B 21 -10.13 32.21 71.68
CA VAL B 21 -9.87 33.64 71.67
C VAL B 21 -8.60 33.93 70.89
N GLN B 22 -7.57 33.14 71.16
CA GLN B 22 -6.30 33.26 70.44
C GLN B 22 -6.46 33.09 68.93
N GLU B 23 -7.19 32.06 68.51
CA GLU B 23 -7.34 31.81 67.08
C GLU B 23 -7.98 33.01 66.38
N ILE B 24 -9.05 33.52 66.97
CA ILE B 24 -9.78 34.63 66.38
C ILE B 24 -8.95 35.89 66.36
N SER B 25 -8.20 36.11 67.44
CA SER B 25 -7.37 37.29 67.58
C SER B 25 -6.24 37.36 66.54
N GLU B 26 -5.61 36.21 66.27
CA GLU B 26 -4.50 36.17 65.31
C GLU B 26 -4.94 36.52 63.89
N VAL B 27 -6.14 36.13 63.52
CA VAL B 27 -6.68 36.45 62.21
C VAL B 27 -7.20 37.88 62.19
N SER B 28 -7.90 38.26 63.25
CA SER B 28 -8.45 39.60 63.40
C SER B 28 -9.50 39.93 62.33
N PRO B 29 -10.60 39.16 62.30
CA PRO B 29 -11.65 39.38 61.31
C PRO B 29 -12.24 40.78 61.41
N ASP B 30 -12.40 41.44 60.26
CA ASP B 30 -13.01 42.76 60.22
C ASP B 30 -14.31 42.67 59.43
N PRO B 31 -15.45 42.62 60.14
CA PRO B 31 -16.73 42.45 59.44
C PRO B 31 -16.90 43.43 58.28
N GLY B 32 -17.22 42.92 57.11
CA GLY B 32 -17.36 43.76 55.93
C GLY B 32 -16.18 43.71 54.97
N GLU B 33 -15.04 43.19 55.43
CA GLU B 33 -13.83 43.19 54.62
C GLU B 33 -13.91 42.27 53.40
N GLU B 34 -14.84 41.32 53.45
CA GLU B 34 -15.02 40.34 52.37
C GLU B 34 -15.54 40.95 51.08
N GLU B 35 -16.23 42.08 51.18
CA GLU B 35 -16.76 42.74 50.00
C GLU B 35 -15.63 43.14 49.07
N GLY B 36 -14.62 43.81 49.62
CA GLY B 36 -13.47 44.23 48.84
C GLY B 36 -12.60 43.08 48.38
N LEU B 37 -12.50 42.04 49.21
CA LEU B 37 -11.74 40.85 48.84
C LEU B 37 -12.36 40.14 47.63
N ASN B 38 -13.67 39.94 47.66
CA ASN B 38 -14.36 39.28 46.56
C ASN B 38 -14.26 40.08 45.26
N THR B 39 -14.38 41.40 45.37
CA THR B 39 -14.25 42.29 44.22
C THR B 39 -12.87 42.18 43.60
N GLU B 40 -11.85 42.19 44.45
CA GLU B 40 -10.46 42.10 44.01
C GLU B 40 -10.14 40.70 43.47
N LEU B 41 -10.75 39.69 44.08
CA LEU B 41 -10.57 38.30 43.64
C LEU B 41 -11.09 38.08 42.20
N SER B 42 -12.28 38.58 41.91
N SER B 42 -12.28 38.60 41.92
CA SER B 42 -12.82 38.50 40.56
CA SER B 42 -12.87 38.55 40.59
C SER B 42 -11.95 39.27 39.58
C SER B 42 -11.99 39.29 39.59
N ARG B 43 -11.51 40.46 39.98
CA ARG B 43 -10.67 41.30 39.13
C ARG B 43 -9.40 40.57 38.71
N LEU B 44 -8.72 39.99 39.69
CA LEU B 44 -7.46 39.30 39.48
C LEU B 44 -7.65 37.98 38.74
N SER B 45 -8.71 37.25 39.10
CA SER B 45 -8.98 35.96 38.48
C SER B 45 -9.31 36.14 37.00
N ASN B 46 -10.08 37.17 36.68
CA ASN B 46 -10.43 37.46 35.29
C ASN B 46 -9.20 37.84 34.45
N LEU B 47 -8.28 38.61 35.04
CA LEU B 47 -7.02 38.93 34.37
C LEU B 47 -6.20 37.66 34.08
N HIS B 48 -6.19 36.73 35.02
CA HIS B 48 -5.53 35.45 34.80
C HIS B 48 -6.20 34.66 33.69
N THR B 49 -7.52 34.73 33.64
CA THR B 49 -8.25 34.05 32.57
C THR B 49 -7.89 34.62 31.21
N ILE B 50 -7.85 35.95 31.10
CA ILE B 50 -7.48 36.62 29.86
C ILE B 50 -6.09 36.18 29.39
N ALA B 51 -5.11 36.31 30.27
CA ALA B 51 -3.73 35.93 29.96
C ALA B 51 -3.61 34.46 29.55
N GLN B 52 -4.29 33.59 30.28
CA GLN B 52 -4.25 32.16 30.01
C GLN B 52 -4.88 31.85 28.64
N ALA B 53 -6.00 32.50 28.34
CA ALA B 53 -6.67 32.28 27.05
C ALA B 53 -5.74 32.66 25.90
N ALA B 54 -5.08 33.81 26.03
CA ALA B 54 -4.12 34.26 25.02
C ALA B 54 -2.95 33.27 24.85
N ALA B 55 -2.41 32.79 25.97
CA ALA B 55 -1.29 31.85 25.91
C ALA B 55 -1.68 30.55 25.22
N GLY B 56 -2.86 30.04 25.52
CA GLY B 56 -3.35 28.81 24.92
C GLY B 56 -3.56 28.97 23.42
N GLY B 57 -4.02 30.14 23.00
CA GLY B 57 -4.21 30.44 21.60
C GLY B 57 -2.89 30.46 20.86
N VAL B 58 -1.91 31.18 21.42
CA VAL B 58 -0.56 31.20 20.88
C VAL B 58 -0.02 29.78 20.70
N GLU B 59 -0.24 28.93 21.69
CA GLU B 59 0.28 27.57 21.62
C GLU B 59 -0.32 26.81 20.44
N LEU B 60 -1.66 26.88 20.32
CA LEU B 60 -2.37 26.14 19.30
C LEU B 60 -2.18 26.70 17.89
N LEU B 61 -1.93 27.99 17.80
CA LEU B 61 -1.85 28.61 16.47
C LEU B 61 -0.42 28.64 15.94
N SER B 62 0.55 28.74 16.83
CA SER B 62 1.90 29.10 16.40
C SER B 62 3.03 28.34 17.11
N ASP B 63 3.07 28.38 18.44
CA ASP B 63 4.23 27.90 19.18
C ASP B 63 4.29 26.40 19.48
N GLY B 64 3.14 25.75 19.53
CA GLY B 64 3.11 24.33 19.83
C GLY B 64 3.86 23.49 18.80
N ASP B 65 4.31 22.31 19.22
CA ASP B 65 4.99 21.38 18.33
C ASP B 65 4.12 21.09 17.11
N LEU B 66 2.83 20.88 17.37
CA LEU B 66 1.83 20.79 16.31
C LEU B 66 0.91 22.00 16.38
N ASN B 67 1.00 22.87 15.38
CA ASN B 67 0.26 24.12 15.40
C ASN B 67 -0.42 24.43 14.07
N ALA B 68 -1.42 25.31 14.11
CA ALA B 68 -2.24 25.60 12.94
C ALA B 68 -1.45 26.23 11.79
N ALA B 69 -0.61 27.22 12.09
CA ALA B 69 0.21 27.86 11.07
C ALA B 69 1.12 26.87 10.34
N GLY B 70 1.56 25.84 11.07
CA GLY B 70 2.47 24.86 10.49
C GLY B 70 1.75 23.94 9.51
N LEU B 71 0.55 23.54 9.87
CA LEU B 71 -0.27 22.70 9.01
C LEU B 71 -0.68 23.44 7.74
N ILE B 72 -1.05 24.71 7.89
CA ILE B 72 -1.42 25.53 6.76
C ILE B 72 -0.25 25.72 5.80
N GLY B 73 0.93 25.98 6.35
CA GLY B 73 2.13 26.10 5.54
C GLY B 73 2.37 24.84 4.74
N GLU B 74 2.22 23.68 5.39
CA GLU B 74 2.34 22.39 4.71
C GLU B 74 1.36 22.29 3.56
N ALA B 75 0.15 22.79 3.79
CA ALA B 75 -0.88 22.80 2.76
C ALA B 75 -0.53 23.77 1.61
N VAL B 76 0.07 24.90 1.94
CA VAL B 76 0.50 25.84 0.90
C VAL B 76 1.55 25.20 -0.01
N ARG B 77 2.52 24.51 0.59
CA ARG B 77 3.56 23.85 -0.19
C ARG B 77 2.99 22.74 -1.07
N ALA B 78 2.01 22.01 -0.52
CA ALA B 78 1.36 20.93 -1.23
C ALA B 78 0.69 21.43 -2.51
N LEU B 79 0.32 22.70 -2.54
CA LEU B 79 -0.40 23.27 -3.67
C LEU B 79 0.52 23.84 -4.76
N ASN B 80 1.78 24.09 -4.42
CA ASN B 80 2.73 24.63 -5.39
C ASN B 80 2.69 23.94 -6.75
N ALA B 81 2.76 22.61 -6.75
CA ALA B 81 2.85 21.86 -8.00
C ALA B 81 1.57 22.00 -8.83
N GLY B 82 0.42 22.02 -8.16
CA GLY B 82 -0.85 22.21 -8.84
C GLY B 82 -1.08 23.64 -9.31
N ALA B 83 -0.65 24.61 -8.50
CA ALA B 83 -0.84 26.03 -8.82
C ALA B 83 -0.10 26.44 -10.08
N LYS B 84 1.03 25.78 -10.35
CA LYS B 84 1.78 26.00 -11.58
C LYS B 84 0.94 25.77 -12.84
N TYR B 85 -0.09 24.94 -12.73
CA TYR B 85 -0.77 24.43 -13.91
C TYR B 85 -2.25 24.79 -13.99
N ASP B 86 -2.80 25.31 -12.91
CA ASP B 86 -4.24 25.50 -12.81
C ASP B 86 -4.60 26.80 -12.13
N GLU B 87 -5.28 27.68 -12.86
CA GLU B 87 -5.60 29.02 -12.39
C GLU B 87 -6.41 29.01 -11.09
N THR B 88 -7.29 28.03 -10.94
CA THR B 88 -8.12 27.90 -9.74
C THR B 88 -7.31 27.49 -8.50
N VAL B 89 -6.42 26.52 -8.67
CA VAL B 89 -5.56 26.11 -7.56
C VAL B 89 -4.63 27.26 -7.17
N MET B 90 -4.12 27.99 -8.16
CA MET B 90 -3.28 29.14 -7.84
C MET B 90 -4.04 30.15 -7.00
N GLN B 91 -5.28 30.44 -7.41
CA GLN B 91 -6.12 31.37 -6.68
C GLN B 91 -6.38 30.88 -5.24
N LEU B 92 -6.72 29.62 -5.10
CA LEU B 92 -6.94 29.05 -3.77
C LEU B 92 -5.68 29.13 -2.91
N GLN B 93 -4.52 29.00 -3.53
CA GLN B 93 -3.28 29.04 -2.78
C GLN B 93 -3.02 30.46 -2.29
N ASN B 94 -3.35 31.45 -3.12
CA ASN B 94 -3.18 32.84 -2.73
C ASN B 94 -4.07 33.19 -1.53
N GLU B 95 -5.32 32.74 -1.58
CA GLU B 95 -6.25 32.93 -0.48
C GLU B 95 -5.77 32.21 0.79
N LEU B 96 -5.19 31.03 0.62
CA LEU B 96 -4.67 30.25 1.74
C LEU B 96 -3.48 30.97 2.39
N ARG B 97 -2.63 31.56 1.55
CA ARG B 97 -1.49 32.31 2.05
C ARG B 97 -1.94 33.53 2.85
N ALA B 98 -3.06 34.12 2.44
CA ALA B 98 -3.65 35.24 3.16
C ALA B 98 -4.16 34.77 4.51
N ALA B 99 -4.83 33.62 4.51
CA ALA B 99 -5.32 33.02 5.74
C ALA B 99 -4.19 32.69 6.72
N LEU B 100 -3.09 32.16 6.21
CA LEU B 100 -1.93 31.87 7.04
C LEU B 100 -1.38 33.15 7.65
N GLU B 101 -1.32 34.20 6.85
CA GLU B 101 -0.84 35.50 7.30
C GLU B 101 -1.69 36.05 8.45
N SER B 102 -3.01 35.91 8.33
N SER B 102 -3.00 35.89 8.32
CA SER B 102 -3.90 36.34 9.39
CA SER B 102 -3.94 36.32 9.36
C SER B 102 -3.66 35.52 10.66
C SER B 102 -3.74 35.52 10.65
N VAL B 103 -3.64 34.20 10.51
CA VAL B 103 -3.41 33.33 11.66
C VAL B 103 -2.15 33.76 12.42
N GLN B 104 -1.08 34.02 11.68
CA GLN B 104 0.19 34.44 12.27
C GLN B 104 0.09 35.80 12.95
N ALA B 105 -0.67 36.72 12.36
CA ALA B 105 -0.87 38.06 12.93
C ALA B 105 -1.66 37.99 14.24
N ILE B 106 -2.67 37.13 14.23
CA ILE B 106 -3.48 36.88 15.41
C ILE B 106 -2.63 36.30 16.56
N ALA B 107 -1.81 35.29 16.25
CA ALA B 107 -0.93 34.72 17.27
C ALA B 107 -0.01 35.77 17.86
N GLY B 108 0.63 36.54 16.99
CA GLY B 108 1.50 37.63 17.42
C GLY B 108 0.81 38.60 18.36
N GLU B 109 -0.41 39.01 18.00
CA GLU B 109 -1.16 39.94 18.85
C GLU B 109 -1.64 39.29 20.16
N LEU B 110 -1.92 38.00 20.12
CA LEU B 110 -2.25 37.28 21.36
C LEU B 110 -1.01 37.23 22.26
N ARG B 111 0.17 37.12 21.65
CA ARG B 111 1.41 37.10 22.42
C ARG B 111 1.56 38.41 23.18
N ASP B 112 1.19 39.51 22.51
CA ASP B 112 1.24 40.83 23.13
C ASP B 112 0.27 40.94 24.30
N VAL B 113 -0.93 40.40 24.13
CA VAL B 113 -1.90 40.38 25.21
C VAL B 113 -1.29 39.69 26.44
N ALA B 114 -0.80 38.47 26.24
CA ALA B 114 -0.21 37.71 27.34
C ALA B 114 0.94 38.47 28.01
N GLU B 115 1.84 39.00 27.19
CA GLU B 115 3.06 39.60 27.71
C GLU B 115 2.83 40.94 28.43
N GLY B 116 1.82 41.69 28.00
CA GLY B 116 1.50 42.96 28.62
C GLY B 116 0.43 42.86 29.68
N SER B 117 0.06 41.64 30.06
CA SER B 117 -0.99 41.42 31.04
C SER B 117 -0.69 42.05 32.40
N ALA B 118 -1.75 42.54 33.05
CA ALA B 118 -1.64 43.09 34.41
C ALA B 118 -1.98 42.04 35.47
N ALA B 119 -2.14 40.79 35.04
CA ALA B 119 -2.34 39.69 35.98
C ALA B 119 -1.24 39.71 37.03
N ASP B 120 -1.58 39.34 38.27
CA ASP B 120 -0.67 39.41 39.40
C ASP B 120 -0.91 38.20 40.29
N PRO B 121 -0.30 37.06 39.94
CA PRO B 121 -0.57 35.77 40.61
C PRO B 121 -0.34 35.83 42.11
N GLU B 122 0.68 36.58 42.53
CA GLU B 122 0.98 36.70 43.94
C GLU B 122 -0.09 37.51 44.67
N ALA B 123 -0.55 38.58 44.05
CA ALA B 123 -1.63 39.37 44.64
C ALA B 123 -2.88 38.50 44.76
N LEU B 124 -3.11 37.69 43.75
CA LEU B 124 -4.25 36.77 43.73
C LEU B 124 -4.13 35.75 44.86
N ASP B 125 -2.95 35.15 45.00
CA ASP B 125 -2.71 34.18 46.06
C ASP B 125 -3.00 34.78 47.44
N ARG B 126 -2.65 36.05 47.62
CA ARG B 126 -2.84 36.73 48.89
C ARG B 126 -4.30 36.94 49.21
N VAL B 127 -5.06 37.37 48.22
CA VAL B 127 -6.49 37.57 48.38
C VAL B 127 -7.17 36.25 48.79
N GLU B 128 -6.85 35.18 48.06
CA GLU B 128 -7.41 33.87 48.37
C GLU B 128 -7.03 33.41 49.77
N ALA B 129 -5.77 33.62 50.13
CA ALA B 129 -5.28 33.25 51.44
C ALA B 129 -6.10 33.93 52.55
N ARG B 130 -6.33 35.23 52.41
CA ARG B 130 -7.14 35.96 53.39
C ARG B 130 -8.59 35.47 53.41
N LEU B 131 -9.13 35.16 52.24
CA LEU B 131 -10.50 34.64 52.18
C LEU B 131 -10.59 33.27 52.84
N SER B 132 -9.57 32.45 52.63
CA SER B 132 -9.51 31.11 53.24
C SER B 132 -9.45 31.20 54.77
N ALA B 133 -8.59 32.07 55.28
CA ALA B 133 -8.46 32.26 56.71
C ALA B 133 -9.81 32.67 57.32
N LEU B 134 -10.51 33.57 56.65
CA LEU B 134 -11.80 34.04 57.15
C LEU B 134 -12.86 32.94 57.07
N SER B 135 -12.80 32.15 55.99
CA SER B 135 -13.73 31.04 55.83
C SER B 135 -13.55 29.96 56.90
N LYS B 136 -12.30 29.68 57.25
CA LYS B 136 -12.01 28.72 58.32
C LYS B 136 -12.60 29.18 59.67
N LEU B 137 -12.49 30.47 59.97
CA LEU B 137 -13.05 31.01 61.22
C LEU B 137 -14.57 30.89 61.21
N LYS B 138 -15.18 31.28 60.10
CA LYS B 138 -16.63 31.20 59.95
C LYS B 138 -17.13 29.76 60.08
N ASN B 139 -16.35 28.81 59.61
CA ASN B 139 -16.73 27.41 59.69
C ASN B 139 -16.74 26.85 61.12
N LYS B 140 -16.13 27.60 62.04
CA LYS B 140 -16.06 27.18 63.45
C LYS B 140 -16.91 28.06 64.35
N TYR B 141 -16.95 29.35 64.05
CA TYR B 141 -17.52 30.36 64.94
C TYR B 141 -18.60 31.20 64.27
N GLY B 142 -18.91 30.87 63.01
CA GLY B 142 -19.71 31.73 62.13
C GLY B 142 -21.17 31.77 62.49
N PRO B 143 -22.06 31.94 61.49
CA PRO B 143 -21.86 31.96 60.02
C PRO B 143 -21.27 33.23 59.40
N THR B 144 -21.47 34.39 60.01
CA THR B 144 -20.91 35.62 59.45
C THR B 144 -19.70 36.07 60.26
N LEU B 145 -18.92 37.00 59.73
CA LEU B 145 -17.80 37.55 60.48
C LEU B 145 -18.28 38.29 61.72
N GLU B 146 -19.48 38.88 61.65
CA GLU B 146 -20.09 39.50 62.83
C GLU B 146 -20.25 38.45 63.94
N ASP B 147 -20.66 37.25 63.55
CA ASP B 147 -20.87 36.16 64.52
C ASP B 147 -19.54 35.68 65.08
N VAL B 148 -18.50 35.72 64.26
CA VAL B 148 -17.17 35.33 64.71
C VAL B 148 -16.62 36.29 65.77
N VAL B 149 -16.82 37.59 65.54
CA VAL B 149 -16.38 38.59 66.50
C VAL B 149 -17.14 38.46 67.82
N GLU B 150 -18.44 38.18 67.72
CA GLU B 150 -19.29 38.02 68.90
C GLU B 150 -18.93 36.75 69.66
N PHE B 151 -18.67 35.67 68.93
CA PHE B 151 -18.24 34.42 69.55
C PHE B 151 -17.02 34.65 70.42
N GLY B 152 -16.02 35.33 69.86
CA GLY B 152 -14.78 35.61 70.56
C GLY B 152 -14.96 36.51 71.77
N ALA B 153 -15.84 37.50 71.66
CA ALA B 153 -16.11 38.42 72.78
C ALA B 153 -16.75 37.69 73.96
N GLN B 154 -17.67 36.78 73.66
CA GLN B 154 -18.30 35.95 74.69
C GLN B 154 -17.31 34.93 75.27
N ALA B 155 -16.38 34.46 74.45
CA ALA B 155 -15.36 33.52 74.93
C ALA B 155 -14.46 34.19 75.95
N ALA B 156 -14.08 35.44 75.66
CA ALA B 156 -13.15 36.18 76.50
C ALA B 156 -13.76 36.51 77.86
N GLU B 157 -15.07 36.77 77.87
CA GLU B 157 -15.76 37.14 79.08
C GLU B 157 -15.95 35.90 79.96
N GLU B 158 -16.27 34.79 79.32
CA GLU B 158 -16.43 33.53 80.05
C GLU B 158 -15.10 33.09 80.65
N LEU B 159 -14.02 33.29 79.89
CA LEU B 159 -12.68 32.91 80.32
C LEU B 159 -12.23 33.71 81.54
N ALA B 160 -12.44 35.03 81.50
CA ALA B 160 -12.07 35.89 82.61
C ALA B 160 -12.80 35.46 83.88
N GLY B 161 -14.04 35.00 83.72
CA GLY B 161 -14.86 34.59 84.84
C GLY B 161 -14.36 33.31 85.49
N LEU B 162 -13.97 32.35 84.66
CA LEU B 162 -13.45 31.07 85.16
C LEU B 162 -12.09 31.28 85.81
N GLU B 163 -11.30 32.20 85.26
CA GLU B 163 -10.03 32.54 85.87
C GLU B 163 -10.25 33.13 87.25
N GLU B 164 -11.23 34.01 87.39
CA GLU B 164 -11.54 34.59 88.69
C GLU B 164 -11.98 33.52 89.68
N ASP B 165 -12.73 32.54 89.19
CA ASP B 165 -13.20 31.44 90.03
C ASP B 165 -12.04 30.63 90.61
N GLU B 166 -11.05 30.35 89.79
CA GLU B 166 -9.88 29.60 90.26
C GLU B 166 -9.06 30.44 91.22
N ARG B 167 -8.96 31.73 90.93
CA ARG B 167 -8.29 32.67 91.81
C ARG B 167 -8.95 32.66 93.19
N ASP B 168 -10.27 32.65 93.19
CA ASP B 168 -11.04 32.64 94.43
C ASP B 168 -10.95 31.31 95.17
N ALA B 169 -11.02 30.21 94.43
CA ALA B 169 -10.99 28.88 95.02
C ALA B 169 -9.70 28.62 95.80
N GLY B 170 -8.68 29.41 95.52
CA GLY B 170 -7.40 29.28 96.21
C GLY B 170 -7.12 30.43 97.14
N SER B 171 -8.11 31.32 97.28
CA SER B 171 -8.00 32.51 98.13
C SER B 171 -6.95 33.49 97.60
N PRO C 4 24.70 -9.85 -49.36
CA PRO C 4 23.85 -10.80 -50.08
C PRO C 4 24.55 -11.43 -51.28
N PHE C 5 25.88 -11.55 -51.23
CA PHE C 5 26.66 -12.10 -52.34
C PHE C 5 26.22 -13.52 -52.71
N THR C 6 26.44 -14.46 -51.80
CA THR C 6 26.01 -15.84 -52.03
C THR C 6 24.50 -15.95 -51.94
N GLN C 7 23.95 -17.03 -52.49
CA GLN C 7 22.51 -17.29 -52.43
C GLN C 7 22.04 -17.38 -50.99
N ARG C 8 22.81 -18.07 -50.16
CA ARG C 8 22.46 -18.18 -48.75
C ARG C 8 22.40 -16.81 -48.09
N GLU C 9 23.37 -15.95 -48.38
CA GLU C 9 23.40 -14.61 -47.82
C GLU C 9 22.19 -13.79 -48.28
N ARG C 10 21.85 -13.96 -49.55
CA ARG C 10 20.70 -13.26 -50.13
C ARG C 10 19.40 -13.70 -49.49
N ALA C 11 19.23 -15.00 -49.32
CA ALA C 11 18.05 -15.52 -48.64
C ALA C 11 17.90 -14.89 -47.26
N ARG C 12 19.02 -14.79 -46.53
CA ARG C 12 19.00 -14.24 -45.17
C ARG C 12 18.71 -12.73 -45.19
N GLN C 13 19.29 -12.04 -46.16
CA GLN C 13 19.06 -10.62 -46.31
C GLN C 13 17.58 -10.36 -46.61
N ILE C 14 16.97 -11.22 -47.41
CA ILE C 14 15.54 -11.09 -47.74
C ILE C 14 14.67 -11.15 -46.49
N ASP C 15 14.95 -12.10 -45.60
CA ASP C 15 14.22 -12.20 -44.34
C ASP C 15 14.41 -10.98 -43.45
N LEU C 16 15.65 -10.50 -43.41
CA LEU C 16 16.01 -9.34 -42.58
C LEU C 16 15.21 -8.11 -42.99
N LEU C 17 15.29 -7.78 -44.28
CA LEU C 17 14.56 -6.65 -44.85
C LEU C 17 13.05 -6.82 -44.65
N ALA C 18 12.53 -8.01 -44.94
CA ALA C 18 11.10 -8.24 -44.77
C ALA C 18 10.66 -7.94 -43.33
N PHE C 19 11.45 -8.39 -42.37
CA PHE C 19 11.15 -8.20 -40.95
C PHE C 19 11.07 -6.73 -40.58
N GLN C 20 12.03 -5.96 -41.08
CA GLN C 20 12.11 -4.54 -40.77
C GLN C 20 10.95 -3.77 -41.37
N VAL C 21 10.62 -4.06 -42.62
CA VAL C 21 9.51 -3.39 -43.29
C VAL C 21 8.20 -3.65 -42.55
N GLN C 22 8.01 -4.92 -42.17
CA GLN C 22 6.83 -5.34 -41.40
C GLN C 22 6.73 -4.59 -40.08
N GLU C 23 7.81 -4.62 -39.29
CA GLU C 23 7.84 -3.92 -38.01
C GLU C 23 7.43 -2.45 -38.14
N ILE C 24 8.04 -1.75 -39.10
CA ILE C 24 7.74 -0.33 -39.31
C ILE C 24 6.30 -0.15 -39.79
N SER C 25 5.87 -1.03 -40.70
N SER C 25 5.89 -1.02 -40.72
CA SER C 25 4.54 -0.95 -41.27
CA SER C 25 4.54 -0.98 -41.26
C SER C 25 3.43 -1.27 -40.25
C SER C 25 3.47 -1.18 -40.20
N GLU C 26 3.72 -2.11 -39.28
CA GLU C 26 2.76 -2.41 -38.21
C GLU C 26 2.52 -1.21 -37.29
N VAL C 27 3.58 -0.49 -36.96
CA VAL C 27 3.45 0.68 -36.07
C VAL C 27 2.86 1.87 -36.83
N SER C 28 3.23 1.97 -38.11
CA SER C 28 2.74 3.02 -38.98
C SER C 28 3.05 4.43 -38.48
N PRO C 29 4.34 4.74 -38.29
CA PRO C 29 4.71 6.07 -37.78
C PRO C 29 4.23 7.18 -38.71
N ASP C 30 3.68 8.24 -38.14
CA ASP C 30 3.22 9.39 -38.92
C ASP C 30 4.02 10.61 -38.48
N PRO C 31 5.08 10.94 -39.24
CA PRO C 31 5.95 12.06 -38.87
C PRO C 31 5.12 13.29 -38.50
N GLY C 32 5.38 13.84 -37.32
CA GLY C 32 4.65 14.99 -36.86
C GLY C 32 3.60 14.66 -35.79
N GLU C 33 3.31 13.37 -35.63
CA GLU C 33 2.29 12.96 -34.66
C GLU C 33 2.75 13.15 -33.22
N GLU C 34 4.06 13.21 -33.00
CA GLU C 34 4.63 13.32 -31.66
C GLU C 34 4.31 14.66 -31.00
N GLU C 35 4.10 15.70 -31.80
CA GLU C 35 3.75 17.02 -31.27
C GLU C 35 2.44 16.93 -30.51
N GLY C 36 1.45 16.31 -31.13
CA GLY C 36 0.15 16.08 -30.50
C GLY C 36 0.25 15.14 -29.30
N LEU C 37 1.01 14.06 -29.44
CA LEU C 37 1.18 13.13 -28.33
C LEU C 37 1.82 13.79 -27.10
N ASN C 38 2.80 14.65 -27.33
CA ASN C 38 3.54 15.27 -26.23
C ASN C 38 2.71 16.33 -25.53
N THR C 39 1.96 17.11 -26.30
CA THR C 39 1.04 18.06 -25.73
C THR C 39 0.01 17.33 -24.87
N GLU C 40 -0.53 16.24 -25.38
CA GLU C 40 -1.51 15.45 -24.63
C GLU C 40 -0.90 14.80 -23.38
N LEU C 41 0.35 14.36 -23.49
CA LEU C 41 1.05 13.78 -22.36
C LEU C 41 1.18 14.79 -21.22
N SER C 42 1.60 16.01 -21.55
N SER C 42 1.58 16.01 -21.56
CA SER C 42 1.73 17.07 -20.56
CA SER C 42 1.74 17.07 -20.56
C SER C 42 0.39 17.42 -19.93
C SER C 42 0.40 17.46 -19.93
N ARG C 43 -0.64 17.51 -20.77
CA ARG C 43 -1.97 17.86 -20.29
C ARG C 43 -2.42 16.85 -19.24
N LEU C 44 -2.37 15.57 -19.61
CA LEU C 44 -2.81 14.48 -18.73
C LEU C 44 -1.95 14.37 -17.46
N SER C 45 -0.64 14.48 -17.63
CA SER C 45 0.26 14.39 -16.50
C SER C 45 -0.03 15.49 -15.49
N ASN C 46 -0.20 16.71 -15.98
CA ASN C 46 -0.50 17.83 -15.09
C ASN C 46 -1.85 17.69 -14.41
N LEU C 47 -2.84 17.14 -15.12
CA LEU C 47 -4.14 16.87 -14.50
C LEU C 47 -3.98 15.98 -13.27
N HIS C 48 -3.14 14.96 -13.38
CA HIS C 48 -2.83 14.11 -12.23
C HIS C 48 -2.19 14.92 -11.11
N THR C 49 -1.21 15.75 -11.47
CA THR C 49 -0.51 16.60 -10.50
C THR C 49 -1.48 17.56 -9.79
N ILE C 50 -2.36 18.18 -10.55
CA ILE C 50 -3.34 19.09 -10.00
C ILE C 50 -4.25 18.39 -8.98
N ALA C 51 -4.78 17.23 -9.35
CA ALA C 51 -5.69 16.47 -8.48
C ALA C 51 -5.01 16.04 -7.18
N GLN C 52 -3.77 15.57 -7.28
CA GLN C 52 -3.05 15.14 -6.08
C GLN C 52 -2.73 16.31 -5.15
N ALA C 53 -2.49 17.48 -5.73
CA ALA C 53 -2.22 18.68 -4.94
C ALA C 53 -3.46 19.09 -4.14
N ALA C 54 -4.61 19.08 -4.80
CA ALA C 54 -5.86 19.43 -4.15
C ALA C 54 -6.20 18.42 -3.05
N ALA C 55 -5.91 17.14 -3.31
CA ALA C 55 -6.17 16.08 -2.33
C ALA C 55 -5.29 16.25 -1.10
N GLY C 56 -4.02 16.58 -1.33
CA GLY C 56 -3.09 16.81 -0.25
C GLY C 56 -3.49 18.01 0.58
N GLY C 57 -3.99 19.05 -0.08
CA GLY C 57 -4.43 20.25 0.61
C GLY C 57 -5.64 19.94 1.49
N VAL C 58 -6.57 19.15 0.95
CA VAL C 58 -7.77 18.77 1.68
C VAL C 58 -7.45 17.97 2.95
N GLU C 59 -6.53 17.01 2.83
CA GLU C 59 -6.09 16.25 3.98
C GLU C 59 -5.53 17.15 5.09
N LEU C 60 -4.68 18.08 4.71
CA LEU C 60 -3.97 18.91 5.69
C LEU C 60 -4.86 19.99 6.31
N LEU C 61 -5.87 20.41 5.57
CA LEU C 61 -6.71 21.52 6.01
C LEU C 61 -7.92 21.07 6.82
N SER C 62 -8.49 19.91 6.48
CA SER C 62 -9.73 19.50 7.14
C SER C 62 -9.88 18.00 7.39
N ASP C 63 -9.44 17.15 6.45
CA ASP C 63 -9.77 15.72 6.52
C ASP C 63 -8.79 14.84 7.30
N GLY C 64 -7.53 15.26 7.40
CA GLY C 64 -6.56 14.49 8.16
C GLY C 64 -6.97 14.35 9.62
N ASP C 65 -6.41 13.38 10.32
CA ASP C 65 -6.68 13.25 11.75
C ASP C 65 -6.16 14.50 12.45
N LEU C 66 -4.98 14.94 12.03
CA LEU C 66 -4.44 16.23 12.45
C LEU C 66 -4.63 17.24 11.32
N ASN C 67 -5.53 18.20 11.51
CA ASN C 67 -5.80 19.17 10.45
C ASN C 67 -5.90 20.62 10.93
N ALA C 68 -5.67 21.55 10.01
CA ALA C 68 -5.62 22.97 10.33
C ALA C 68 -6.94 23.49 10.92
N ALA C 69 -8.05 23.16 10.28
CA ALA C 69 -9.35 23.63 10.74
C ALA C 69 -9.61 23.18 12.18
N GLY C 70 -9.23 21.95 12.50
CA GLY C 70 -9.39 21.41 13.84
C GLY C 70 -8.60 22.20 14.87
N LEU C 71 -7.34 22.46 14.59
CA LEU C 71 -6.50 23.22 15.49
C LEU C 71 -7.00 24.66 15.66
N ILE C 72 -7.44 25.28 14.57
CA ILE C 72 -7.97 26.63 14.67
C ILE C 72 -9.25 26.65 15.51
N GLY C 73 -10.10 25.64 15.31
CA GLY C 73 -11.31 25.49 16.12
C GLY C 73 -10.98 25.41 17.60
N GLU C 74 -9.95 24.63 17.93
CA GLU C 74 -9.50 24.51 19.32
C GLU C 74 -9.00 25.83 19.89
N ALA C 75 -8.32 26.63 19.05
CA ALA C 75 -7.84 27.93 19.50
C ALA C 75 -9.01 28.91 19.72
N VAL C 76 -9.99 28.85 18.83
CA VAL C 76 -11.18 29.69 18.99
C VAL C 76 -11.85 29.42 20.33
N ARG C 77 -11.97 28.14 20.67
CA ARG C 77 -12.61 27.75 21.93
C ARG C 77 -11.76 28.16 23.12
N ALA C 78 -10.44 28.04 23.00
CA ALA C 78 -9.55 28.42 24.09
C ALA C 78 -9.58 29.92 24.37
N LEU C 79 -10.03 30.71 23.39
CA LEU C 79 -10.08 32.16 23.55
C LEU C 79 -11.37 32.62 24.20
N ASN C 80 -12.38 31.74 24.18
CA ASN C 80 -13.72 32.16 24.56
C ASN C 80 -13.85 32.78 25.97
N ALA C 81 -13.17 32.16 26.94
CA ALA C 81 -13.20 32.65 28.32
C ALA C 81 -12.53 34.02 28.46
N GLY C 82 -11.45 34.23 27.71
CA GLY C 82 -10.78 35.52 27.73
C GLY C 82 -11.59 36.61 27.05
N ALA C 83 -12.28 36.22 25.97
CA ALA C 83 -13.10 37.15 25.20
C ALA C 83 -14.26 37.67 26.02
N LYS C 84 -14.74 36.87 26.97
CA LYS C 84 -15.81 37.28 27.85
C LYS C 84 -15.43 38.58 28.59
N TYR C 85 -14.17 38.68 29.01
CA TYR C 85 -13.77 39.80 29.85
C TYR C 85 -12.95 40.88 29.14
N ASP C 86 -12.49 40.59 27.92
CA ASP C 86 -11.56 41.50 27.25
C ASP C 86 -11.91 41.77 25.78
N GLU C 87 -12.05 43.04 25.44
CA GLU C 87 -12.46 43.43 24.09
C GLU C 87 -11.43 43.05 23.03
N THR C 88 -10.15 43.20 23.36
CA THR C 88 -9.10 42.86 22.42
C THR C 88 -9.13 41.37 22.08
N VAL C 89 -9.23 40.53 23.11
CA VAL C 89 -9.30 39.09 22.90
C VAL C 89 -10.54 38.70 22.12
N MET C 90 -11.68 39.33 22.42
CA MET C 90 -12.90 39.06 21.65
C MET C 90 -12.70 39.42 20.17
N GLN C 91 -12.06 40.56 19.91
CA GLN C 91 -11.82 40.98 18.53
C GLN C 91 -10.94 39.98 17.77
N LEU C 92 -9.86 39.55 18.41
CA LEU C 92 -8.96 38.55 17.85
C LEU C 92 -9.67 37.21 17.63
N GLN C 93 -10.51 36.81 18.58
CA GLN C 93 -11.27 35.57 18.44
C GLN C 93 -12.17 35.63 17.21
N ASN C 94 -12.80 36.79 16.99
CA ASN C 94 -13.67 36.91 15.83
C ASN C 94 -12.90 36.91 14.50
N GLU C 95 -11.71 37.54 14.50
CA GLU C 95 -10.83 37.47 13.34
C GLU C 95 -10.39 36.02 13.08
N LEU C 96 -10.18 35.26 14.15
CA LEU C 96 -9.80 33.87 14.01
C LEU C 96 -10.95 33.03 13.45
N ARG C 97 -12.16 33.31 13.90
CA ARG C 97 -13.35 32.67 13.34
C ARG C 97 -13.44 32.91 11.82
N ALA C 98 -13.13 34.13 11.40
CA ALA C 98 -13.17 34.46 9.97
C ALA C 98 -12.10 33.69 9.19
N ALA C 99 -10.92 33.54 9.79
CA ALA C 99 -9.85 32.76 9.17
C ALA C 99 -10.23 31.28 9.04
N LEU C 100 -10.95 30.78 10.03
CA LEU C 100 -11.40 29.39 10.03
C LEU C 100 -12.39 29.18 8.89
N GLU C 101 -13.33 30.11 8.76
CA GLU C 101 -14.29 30.07 7.67
C GLU C 101 -13.60 30.07 6.32
N SER C 102 -12.53 30.85 6.20
N SER C 102 -12.52 30.84 6.20
CA SER C 102 -11.78 30.93 4.94
CA SER C 102 -11.79 30.93 4.94
C SER C 102 -11.10 29.60 4.64
C SER C 102 -11.08 29.61 4.64
N VAL C 103 -10.44 29.04 5.65
CA VAL C 103 -9.77 27.77 5.53
C VAL C 103 -10.75 26.65 5.15
N GLN C 104 -11.94 26.66 5.75
N GLN C 104 -11.94 26.65 5.75
CA GLN C 104 -12.96 25.68 5.46
CA GLN C 104 -12.92 25.62 5.42
C GLN C 104 -13.49 25.81 4.03
C GLN C 104 -13.52 25.80 4.02
N ALA C 105 -13.67 27.05 3.59
CA ALA C 105 -14.17 27.31 2.25
C ALA C 105 -13.13 26.88 1.21
N ILE C 106 -11.87 27.13 1.51
CA ILE C 106 -10.78 26.73 0.62
C ILE C 106 -10.69 25.21 0.47
N ALA C 107 -10.85 24.50 1.58
CA ALA C 107 -10.83 23.04 1.57
C ALA C 107 -11.98 22.48 0.73
N GLY C 108 -13.17 23.03 0.93
CA GLY C 108 -14.33 22.63 0.14
C GLY C 108 -14.11 22.80 -1.35
N GLU C 109 -13.50 23.92 -1.75
CA GLU C 109 -13.23 24.17 -3.17
C GLU C 109 -12.08 23.33 -3.70
N LEU C 110 -11.11 23.02 -2.85
CA LEU C 110 -10.08 22.08 -3.25
C LEU C 110 -10.71 20.70 -3.46
N ARG C 111 -11.67 20.36 -2.61
CA ARG C 111 -12.39 19.09 -2.76
C ARG C 111 -13.11 19.02 -4.11
N ASP C 112 -13.73 20.13 -4.51
CA ASP C 112 -14.42 20.20 -5.80
C ASP C 112 -13.44 19.99 -6.97
N VAL C 113 -12.24 20.53 -6.81
CA VAL C 113 -11.19 20.37 -7.82
C VAL C 113 -10.84 18.90 -7.98
N ALA C 114 -10.54 18.25 -6.86
CA ALA C 114 -10.17 16.83 -6.86
C ALA C 114 -11.34 15.97 -7.35
N GLU C 115 -12.54 16.29 -6.89
CA GLU C 115 -13.73 15.51 -7.27
C GLU C 115 -14.07 15.68 -8.75
N GLY C 116 -13.89 16.88 -9.28
CA GLY C 116 -14.27 17.17 -10.66
C GLY C 116 -13.16 16.95 -11.68
N SER C 117 -12.03 16.41 -11.22
CA SER C 117 -10.85 16.25 -12.04
C SER C 117 -11.09 15.38 -13.28
N ALA C 118 -10.57 15.81 -14.42
CA ALA C 118 -10.65 15.03 -15.65
C ALA C 118 -9.42 14.15 -15.85
N ALA C 119 -8.63 13.98 -14.79
CA ALA C 119 -7.46 13.11 -14.87
C ALA C 119 -7.89 11.72 -15.34
N ASP C 120 -7.08 11.10 -16.19
CA ASP C 120 -7.46 9.84 -16.84
C ASP C 120 -6.23 8.99 -17.03
N PRO C 121 -6.00 8.06 -16.08
CA PRO C 121 -4.80 7.21 -16.04
C PRO C 121 -4.69 6.31 -17.27
N GLU C 122 -5.83 5.77 -17.71
CA GLU C 122 -5.88 4.89 -18.86
C GLU C 122 -5.43 5.63 -20.13
N ALA C 123 -6.00 6.81 -20.34
CA ALA C 123 -5.65 7.63 -21.51
C ALA C 123 -4.17 7.98 -21.47
N LEU C 124 -3.68 8.34 -20.29
CA LEU C 124 -2.28 8.69 -20.14
C LEU C 124 -1.40 7.51 -20.53
N ASP C 125 -1.80 6.31 -20.12
CA ASP C 125 -1.07 5.09 -20.46
C ASP C 125 -1.06 4.85 -21.97
N ARG C 126 -2.16 5.17 -22.63
CA ARG C 126 -2.24 4.98 -24.08
C ARG C 126 -1.35 5.99 -24.81
N VAL C 127 -1.27 7.21 -24.29
CA VAL C 127 -0.39 8.20 -24.88
C VAL C 127 1.05 7.74 -24.73
N GLU C 128 1.43 7.34 -23.52
CA GLU C 128 2.76 6.79 -23.25
C GLU C 128 3.08 5.57 -24.13
N ALA C 129 2.11 4.69 -24.31
CA ALA C 129 2.29 3.51 -25.14
C ALA C 129 2.64 3.89 -26.57
N ARG C 130 1.87 4.79 -27.17
CA ARG C 130 2.15 5.21 -28.53
C ARG C 130 3.56 5.79 -28.63
N LEU C 131 3.91 6.68 -27.70
CA LEU C 131 5.22 7.30 -27.68
C LEU C 131 6.34 6.27 -27.53
N SER C 132 6.08 5.23 -26.73
CA SER C 132 7.05 4.15 -26.54
C SER C 132 7.28 3.37 -27.85
N ALA C 133 6.20 3.08 -28.56
CA ALA C 133 6.31 2.33 -29.82
C ALA C 133 7.14 3.13 -30.83
N LEU C 134 6.99 4.44 -30.84
CA LEU C 134 7.72 5.30 -31.76
C LEU C 134 9.18 5.42 -31.35
N SER C 135 9.42 5.45 -30.04
N SER C 135 9.43 5.44 -30.04
CA SER C 135 10.78 5.52 -29.51
CA SER C 135 10.79 5.52 -29.53
C SER C 135 11.58 4.27 -29.89
C SER C 135 11.60 4.27 -29.87
N LYS C 136 10.95 3.12 -29.77
CA LYS C 136 11.59 1.85 -30.13
C LYS C 136 12.00 1.85 -31.61
N LEU C 137 11.13 2.34 -32.47
CA LEU C 137 11.44 2.46 -33.90
C LEU C 137 12.60 3.41 -34.13
N LYS C 138 12.53 4.57 -33.49
CA LYS C 138 13.59 5.57 -33.63
C LYS C 138 14.93 5.04 -33.13
N ASN C 139 14.90 4.23 -32.07
CA ASN C 139 16.14 3.65 -31.55
C ASN C 139 16.75 2.59 -32.46
N LYS C 140 16.01 2.18 -33.49
CA LYS C 140 16.49 1.17 -34.42
C LYS C 140 16.75 1.77 -35.79
N TYR C 141 15.86 2.68 -36.19
CA TYR C 141 15.81 3.18 -37.56
C TYR C 141 15.80 4.72 -37.64
N GLY C 142 15.97 5.39 -36.49
CA GLY C 142 15.82 6.84 -36.39
C GLY C 142 16.98 7.64 -36.97
N PRO C 143 17.30 8.79 -36.36
CA PRO C 143 16.76 9.32 -35.09
C PRO C 143 15.40 10.00 -35.12
N THR C 144 14.90 10.44 -36.28
CA THR C 144 13.59 11.07 -36.33
C THR C 144 12.59 10.13 -37.00
N LEU C 145 11.31 10.44 -36.87
CA LEU C 145 10.29 9.62 -37.53
C LEU C 145 10.44 9.67 -39.04
N GLU C 146 10.85 10.82 -39.56
CA GLU C 146 11.13 10.92 -40.99
C GLU C 146 12.26 9.97 -41.40
N ASP C 147 13.31 9.90 -40.59
CA ASP C 147 14.37 8.93 -40.78
C ASP C 147 13.84 7.50 -40.78
N VAL C 148 12.88 7.23 -39.89
CA VAL C 148 12.29 5.90 -39.76
C VAL C 148 11.50 5.50 -41.00
N VAL C 149 10.67 6.42 -41.48
CA VAL C 149 9.89 6.18 -42.68
C VAL C 149 10.79 5.96 -43.89
N GLU C 150 11.88 6.72 -43.97
CA GLU C 150 12.81 6.56 -45.08
C GLU C 150 13.54 5.21 -45.03
N PHE C 151 13.98 4.82 -43.83
CA PHE C 151 14.60 3.52 -43.66
C PHE C 151 13.71 2.40 -44.24
N GLY C 152 12.43 2.41 -43.89
CA GLY C 152 11.47 1.43 -44.37
C GLY C 152 11.29 1.44 -45.88
N ALA C 153 11.26 2.64 -46.47
CA ALA C 153 11.10 2.74 -47.92
C ALA C 153 12.33 2.17 -48.62
N GLN C 154 13.51 2.48 -48.09
CA GLN C 154 14.75 1.98 -48.66
C GLN C 154 14.84 0.48 -48.52
N ALA C 155 14.43 -0.02 -47.35
CA ALA C 155 14.42 -1.46 -47.12
C ALA C 155 13.50 -2.14 -48.13
N ALA C 156 12.34 -1.54 -48.36
CA ALA C 156 11.35 -2.09 -49.27
C ALA C 156 11.87 -2.19 -50.70
N GLU C 157 12.57 -1.15 -51.16
CA GLU C 157 13.14 -1.12 -52.49
C GLU C 157 14.21 -2.19 -52.63
N GLU C 158 15.04 -2.31 -51.60
CA GLU C 158 16.15 -3.26 -51.62
C GLU C 158 15.63 -4.69 -51.61
N LEU C 159 14.57 -4.92 -50.84
CA LEU C 159 13.91 -6.22 -50.80
C LEU C 159 13.41 -6.65 -52.17
N ALA C 160 12.63 -5.79 -52.81
CA ALA C 160 12.03 -6.11 -54.11
C ALA C 160 13.10 -6.45 -55.15
N GLY C 161 14.24 -5.78 -55.05
CA GLY C 161 15.34 -5.99 -55.98
C GLY C 161 15.92 -7.38 -55.80
N LEU C 162 16.08 -7.79 -54.54
CA LEU C 162 16.59 -9.11 -54.20
C LEU C 162 15.60 -10.22 -54.55
N GLU C 163 14.31 -9.94 -54.40
CA GLU C 163 13.29 -10.90 -54.77
C GLU C 163 13.29 -11.14 -56.28
N GLU C 164 13.49 -10.07 -57.04
CA GLU C 164 13.62 -10.19 -58.47
C GLU C 164 14.85 -11.04 -58.81
N ASP C 165 15.99 -10.70 -58.20
CA ASP C 165 17.21 -11.46 -58.42
C ASP C 165 16.97 -12.95 -58.25
N GLU C 166 16.23 -13.32 -57.22
CA GLU C 166 15.93 -14.73 -56.96
C GLU C 166 15.02 -15.35 -58.01
N ARG C 167 13.96 -14.65 -58.41
CA ARG C 167 13.12 -15.12 -59.49
C ARG C 167 13.95 -15.37 -60.73
N ASP C 168 14.82 -14.41 -61.05
CA ASP C 168 15.69 -14.50 -62.22
C ASP C 168 16.63 -15.69 -62.12
N ALA C 169 17.09 -16.00 -60.90
CA ALA C 169 17.97 -17.14 -60.70
C ALA C 169 17.41 -18.38 -61.37
N GLY C 170 16.29 -18.87 -60.88
CA GLY C 170 15.65 -20.04 -61.45
C GLY C 170 14.59 -19.69 -62.47
N PRO D 4 -47.72 -36.17 -63.91
CA PRO D 4 -47.47 -36.23 -65.36
C PRO D 4 -48.73 -36.50 -66.17
N PHE D 5 -49.88 -36.01 -65.71
CA PHE D 5 -51.14 -36.23 -66.40
C PHE D 5 -51.19 -35.52 -67.76
N THR D 6 -51.25 -34.19 -67.74
CA THR D 6 -51.25 -33.43 -68.99
C THR D 6 -49.88 -33.47 -69.63
N GLN D 7 -49.78 -32.96 -70.85
CA GLN D 7 -48.52 -33.01 -71.58
C GLN D 7 -47.48 -32.15 -70.90
N ARG D 8 -47.87 -30.95 -70.49
CA ARG D 8 -46.97 -30.05 -69.78
C ARG D 8 -46.53 -30.64 -68.43
N GLU D 9 -47.48 -31.23 -67.71
CA GLU D 9 -47.15 -31.87 -66.45
C GLU D 9 -46.08 -32.94 -66.62
N ARG D 10 -46.22 -33.76 -67.67
CA ARG D 10 -45.24 -34.81 -67.95
C ARG D 10 -43.87 -34.23 -68.26
N ALA D 11 -43.85 -33.15 -69.04
CA ALA D 11 -42.60 -32.49 -69.39
C ALA D 11 -41.89 -32.01 -68.13
N ARG D 12 -42.65 -31.40 -67.23
CA ARG D 12 -42.11 -30.91 -65.97
C ARG D 12 -41.64 -32.07 -65.08
N GLN D 13 -42.40 -33.16 -65.08
CA GLN D 13 -42.05 -34.32 -64.27
C GLN D 13 -40.74 -34.93 -64.78
N ILE D 14 -40.58 -35.00 -66.10
CA ILE D 14 -39.35 -35.51 -66.70
C ILE D 14 -38.13 -34.73 -66.23
N ASP D 15 -38.24 -33.39 -66.20
CA ASP D 15 -37.13 -32.56 -65.71
C ASP D 15 -36.79 -32.84 -64.25
N LEU D 16 -37.83 -32.93 -63.42
CA LEU D 16 -37.67 -33.18 -61.99
C LEU D 16 -36.90 -34.48 -61.75
N LEU D 17 -37.39 -35.55 -62.36
CA LEU D 17 -36.80 -36.88 -62.22
C LEU D 17 -35.35 -36.89 -62.69
N ALA D 18 -35.08 -36.30 -63.86
CA ALA D 18 -33.72 -36.22 -64.40
C ALA D 18 -32.77 -35.50 -63.44
N PHE D 19 -33.25 -34.41 -62.84
CA PHE D 19 -32.49 -33.65 -61.85
C PHE D 19 -32.07 -34.50 -60.66
N GLN D 20 -33.04 -35.23 -60.11
CA GLN D 20 -32.81 -36.05 -58.93
C GLN D 20 -31.88 -37.20 -59.22
N VAL D 21 -32.07 -37.86 -60.35
CA VAL D 21 -31.19 -38.97 -60.73
C VAL D 21 -29.79 -38.44 -60.94
N GLN D 22 -29.70 -37.24 -61.52
CA GLN D 22 -28.42 -36.60 -61.73
C GLN D 22 -27.74 -36.23 -60.40
N GLU D 23 -28.51 -35.70 -59.47
CA GLU D 23 -27.93 -35.27 -58.19
C GLU D 23 -27.32 -36.45 -57.46
N ILE D 24 -28.07 -37.56 -57.42
CA ILE D 24 -27.62 -38.75 -56.72
C ILE D 24 -26.41 -39.38 -57.41
N SER D 25 -26.49 -39.58 -58.73
CA SER D 25 -25.40 -40.22 -59.45
C SER D 25 -24.09 -39.44 -59.29
N GLU D 26 -24.18 -38.11 -59.24
CA GLU D 26 -23.00 -37.27 -59.06
C GLU D 26 -22.25 -37.54 -57.75
N VAL D 27 -23.00 -37.65 -56.65
CA VAL D 27 -22.40 -37.96 -55.35
C VAL D 27 -21.98 -39.42 -55.29
N SER D 28 -22.77 -40.26 -55.93
CA SER D 28 -22.52 -41.70 -55.97
C SER D 28 -22.40 -42.32 -54.58
N PRO D 29 -23.50 -42.27 -53.82
CA PRO D 29 -23.46 -42.84 -52.46
C PRO D 29 -23.25 -44.34 -52.51
N ASP D 30 -22.38 -44.84 -51.63
CA ASP D 30 -22.13 -46.26 -51.52
C ASP D 30 -22.51 -46.69 -50.11
N PRO D 31 -23.67 -47.36 -49.96
CA PRO D 31 -24.17 -47.76 -48.64
C PRO D 31 -23.13 -48.53 -47.85
N GLY D 32 -22.90 -48.11 -46.61
CA GLY D 32 -21.88 -48.71 -45.78
C GLY D 32 -20.64 -47.85 -45.69
N GLU D 33 -20.50 -46.87 -46.59
CA GLU D 33 -19.29 -46.04 -46.59
C GLU D 33 -19.17 -45.14 -45.35
N GLU D 34 -20.31 -44.78 -44.74
CA GLU D 34 -20.30 -43.90 -43.58
C GLU D 34 -19.63 -44.54 -42.34
N GLU D 35 -19.61 -45.86 -42.30
CA GLU D 35 -18.95 -46.55 -41.19
C GLU D 35 -17.49 -46.14 -41.08
N GLY D 36 -16.78 -46.23 -42.21
CA GLY D 36 -15.38 -45.84 -42.28
C GLY D 36 -15.16 -44.35 -42.15
N LEU D 37 -16.05 -43.56 -42.74
CA LEU D 37 -15.96 -42.10 -42.60
C LEU D 37 -16.07 -41.66 -41.15
N ASN D 38 -17.05 -42.20 -40.43
CA ASN D 38 -17.25 -41.86 -39.02
C ASN D 38 -16.07 -42.24 -38.16
N THR D 39 -15.53 -43.42 -38.41
CA THR D 39 -14.36 -43.91 -37.70
C THR D 39 -13.19 -42.96 -37.94
N GLU D 40 -13.00 -42.57 -39.19
CA GLU D 40 -11.91 -41.67 -39.54
C GLU D 40 -12.13 -40.25 -38.99
N LEU D 41 -13.39 -39.82 -38.96
CA LEU D 41 -13.75 -38.52 -38.41
C LEU D 41 -13.34 -38.41 -36.95
N SER D 42 -13.74 -39.40 -36.16
CA SER D 42 -13.42 -39.46 -34.74
C SER D 42 -11.91 -39.57 -34.50
N ARG D 43 -11.23 -40.32 -35.37
CA ARG D 43 -9.78 -40.49 -35.26
C ARG D 43 -9.05 -39.17 -35.46
N LEU D 44 -9.42 -38.43 -36.51
CA LEU D 44 -8.79 -37.17 -36.81
C LEU D 44 -9.19 -36.08 -35.83
N SER D 45 -10.46 -36.08 -35.44
CA SER D 45 -10.91 -35.12 -34.42
C SER D 45 -10.15 -35.32 -33.13
N ASN D 46 -10.07 -36.57 -32.67
CA ASN D 46 -9.36 -36.87 -31.43
C ASN D 46 -7.88 -36.49 -31.50
N LEU D 47 -7.25 -36.76 -32.64
CA LEU D 47 -5.85 -36.36 -32.82
C LEU D 47 -5.66 -34.87 -32.52
N HIS D 48 -6.56 -34.05 -33.03
CA HIS D 48 -6.51 -32.61 -32.79
C HIS D 48 -6.68 -32.31 -31.30
N THR D 49 -7.65 -32.97 -30.67
CA THR D 49 -7.89 -32.79 -29.26
C THR D 49 -6.64 -33.14 -28.43
N ILE D 50 -6.01 -34.26 -28.76
CA ILE D 50 -4.79 -34.69 -28.08
C ILE D 50 -3.68 -33.64 -28.21
N ALA D 51 -3.50 -33.10 -29.41
CA ALA D 51 -2.45 -32.11 -29.65
C ALA D 51 -2.69 -30.81 -28.87
N GLN D 52 -3.94 -30.37 -28.82
CA GLN D 52 -4.28 -29.15 -28.08
C GLN D 52 -4.12 -29.32 -26.57
N ALA D 53 -4.38 -30.54 -26.09
CA ALA D 53 -4.25 -30.83 -24.67
C ALA D 53 -2.77 -30.80 -24.26
N ALA D 54 -1.94 -31.47 -25.04
CA ALA D 54 -0.50 -31.49 -24.76
C ALA D 54 0.07 -30.08 -24.74
N ALA D 55 -0.32 -29.27 -25.73
CA ALA D 55 0.15 -27.89 -25.81
C ALA D 55 -0.33 -27.05 -24.65
N GLY D 56 -1.57 -27.27 -24.23
CA GLY D 56 -2.11 -26.57 -23.07
C GLY D 56 -1.33 -26.89 -21.81
N GLY D 57 -0.92 -28.14 -21.65
CA GLY D 57 -0.13 -28.55 -20.51
C GLY D 57 1.26 -27.95 -20.52
N VAL D 58 1.84 -27.87 -21.72
CA VAL D 58 3.17 -27.29 -21.87
C VAL D 58 3.19 -25.83 -21.44
N GLU D 59 2.12 -25.10 -21.75
CA GLU D 59 2.02 -23.68 -21.42
C GLU D 59 1.99 -23.46 -19.91
N LEU D 60 1.17 -24.25 -19.23
CA LEU D 60 1.02 -24.15 -17.77
C LEU D 60 2.23 -24.65 -16.99
N LEU D 61 2.95 -25.62 -17.56
CA LEU D 61 4.07 -26.23 -16.84
C LEU D 61 5.40 -25.54 -17.09
N SER D 62 5.56 -24.94 -18.27
CA SER D 62 6.89 -24.58 -18.74
C SER D 62 6.96 -23.27 -19.53
N ASP D 63 6.10 -23.11 -20.53
CA ASP D 63 6.28 -22.04 -21.51
C ASP D 63 5.54 -20.72 -21.25
N GLY D 64 4.45 -20.77 -20.49
CA GLY D 64 3.68 -19.57 -20.22
C GLY D 64 4.45 -18.58 -19.38
N ASP D 65 4.09 -17.30 -19.45
CA ASP D 65 4.73 -16.27 -18.62
C ASP D 65 4.65 -16.65 -17.15
N LEU D 66 3.51 -17.23 -16.75
CA LEU D 66 3.36 -17.85 -15.45
C LEU D 66 3.32 -19.36 -15.65
N ASN D 67 4.26 -20.08 -15.03
CA ASN D 67 4.31 -21.52 -15.19
C ASN D 67 4.82 -22.25 -13.96
N ALA D 68 4.45 -23.53 -13.86
CA ALA D 68 4.75 -24.34 -12.69
C ALA D 68 6.24 -24.49 -12.42
N ALA D 69 7.00 -24.84 -13.44
CA ALA D 69 8.45 -25.01 -13.30
C ALA D 69 9.09 -23.74 -12.77
N GLY D 70 8.57 -22.60 -13.20
CA GLY D 70 9.07 -21.30 -12.79
C GLY D 70 8.88 -21.06 -11.30
N LEU D 71 7.71 -21.41 -10.77
CA LEU D 71 7.43 -21.21 -9.35
C LEU D 71 8.23 -22.18 -8.49
N ILE D 72 8.32 -23.43 -8.94
CA ILE D 72 9.10 -24.45 -8.21
C ILE D 72 10.57 -24.04 -8.12
N GLY D 73 11.11 -23.51 -9.21
CA GLY D 73 12.46 -22.99 -9.23
C GLY D 73 12.66 -21.85 -8.24
N GLU D 74 11.68 -20.95 -8.14
CA GLU D 74 11.74 -19.88 -7.15
C GLU D 74 11.71 -20.43 -5.72
N ALA D 75 10.86 -21.42 -5.49
CA ALA D 75 10.78 -22.12 -4.21
C ALA D 75 12.12 -22.75 -3.82
N VAL D 76 12.70 -23.51 -4.75
CA VAL D 76 14.04 -24.09 -4.55
C VAL D 76 15.06 -23.04 -4.11
N ARG D 77 15.06 -21.89 -4.77
CA ARG D 77 15.99 -20.81 -4.46
C ARG D 77 15.73 -20.18 -3.09
N ALA D 78 14.45 -20.08 -2.72
CA ALA D 78 14.07 -19.51 -1.44
C ALA D 78 14.49 -20.42 -0.27
N LEU D 79 14.74 -21.69 -0.58
CA LEU D 79 15.11 -22.65 0.46
C LEU D 79 16.61 -22.71 0.69
N ASN D 80 17.36 -22.04 -0.17
CA ASN D 80 18.80 -22.23 -0.19
C ASN D 80 19.51 -21.84 1.12
N ALA D 81 19.27 -20.63 1.61
CA ALA D 81 19.91 -20.18 2.84
C ALA D 81 19.49 -21.07 4.02
N GLY D 82 18.20 -21.40 4.08
CA GLY D 82 17.70 -22.32 5.10
C GLY D 82 18.39 -23.67 5.08
N ALA D 83 18.63 -24.21 3.89
CA ALA D 83 19.21 -25.53 3.71
C ALA D 83 20.64 -25.61 4.23
N LYS D 84 21.28 -24.45 4.31
CA LYS D 84 22.65 -24.37 4.80
C LYS D 84 22.72 -24.67 6.29
N TYR D 85 21.62 -24.45 7.00
CA TYR D 85 21.63 -24.55 8.44
C TYR D 85 20.79 -25.69 8.99
N ASP D 86 19.91 -26.25 8.17
CA ASP D 86 18.97 -27.24 8.65
C ASP D 86 18.85 -28.44 7.71
N GLU D 87 19.22 -29.62 8.20
CA GLU D 87 19.26 -30.83 7.39
C GLU D 87 17.91 -31.21 6.79
N THR D 88 16.83 -30.99 7.54
CA THR D 88 15.50 -31.23 7.01
C THR D 88 15.22 -30.33 5.80
N VAL D 89 15.48 -29.03 5.93
CA VAL D 89 15.29 -28.12 4.81
C VAL D 89 16.19 -28.53 3.65
N MET D 90 17.42 -28.95 3.96
CA MET D 90 18.33 -29.42 2.93
C MET D 90 17.74 -30.61 2.17
N GLN D 91 17.12 -31.53 2.91
CA GLN D 91 16.49 -32.71 2.32
C GLN D 91 15.30 -32.32 1.46
N LEU D 92 14.45 -31.45 2.00
CA LEU D 92 13.26 -30.99 1.28
C LEU D 92 13.62 -30.20 0.01
N GLN D 93 14.66 -29.38 0.08
CA GLN D 93 15.10 -28.66 -1.11
C GLN D 93 15.49 -29.66 -2.19
N ASN D 94 16.15 -30.73 -1.80
CA ASN D 94 16.63 -31.75 -2.73
C ASN D 94 15.48 -32.51 -3.37
N GLU D 95 14.45 -32.84 -2.58
CA GLU D 95 13.25 -33.49 -3.13
C GLU D 95 12.49 -32.55 -4.07
N LEU D 96 12.57 -31.25 -3.82
CA LEU D 96 11.91 -30.26 -4.66
C LEU D 96 12.62 -30.12 -6.02
N ARG D 97 13.94 -30.24 -6.03
CA ARG D 97 14.70 -30.24 -7.27
C ARG D 97 14.29 -31.43 -8.14
N ALA D 98 14.09 -32.59 -7.50
CA ALA D 98 13.66 -33.79 -8.21
C ALA D 98 12.25 -33.63 -8.77
N ALA D 99 11.36 -33.01 -8.01
CA ALA D 99 10.03 -32.67 -8.49
C ALA D 99 10.10 -31.74 -9.70
N LEU D 100 10.99 -30.75 -9.63
CA LEU D 100 11.22 -29.82 -10.73
C LEU D 100 11.63 -30.58 -11.99
N GLU D 101 12.64 -31.42 -11.87
CA GLU D 101 13.11 -32.23 -12.99
C GLU D 101 12.01 -33.09 -13.61
N SER D 102 11.11 -33.60 -12.77
N SER D 102 11.11 -33.61 -12.77
CA SER D 102 10.01 -34.43 -13.24
CA SER D 102 10.01 -34.42 -13.26
C SER D 102 9.00 -33.60 -14.04
C SER D 102 9.05 -33.57 -14.08
N VAL D 103 8.71 -32.39 -13.54
CA VAL D 103 7.79 -31.49 -14.23
C VAL D 103 8.37 -31.08 -15.58
N GLN D 104 9.66 -30.81 -15.62
CA GLN D 104 10.34 -30.43 -16.86
C GLN D 104 10.38 -31.59 -17.86
N ALA D 105 10.61 -32.80 -17.36
CA ALA D 105 10.65 -33.99 -18.22
C ALA D 105 9.27 -34.22 -18.83
N ILE D 106 8.24 -34.11 -18.00
CA ILE D 106 6.87 -34.27 -18.47
C ILE D 106 6.50 -33.22 -19.51
N ALA D 107 6.80 -31.95 -19.24
CA ALA D 107 6.57 -30.88 -20.21
C ALA D 107 7.25 -31.14 -21.55
N GLY D 108 8.49 -31.64 -21.49
CA GLY D 108 9.22 -31.95 -22.70
C GLY D 108 8.59 -33.07 -23.52
N GLU D 109 8.09 -34.09 -22.83
CA GLU D 109 7.47 -35.21 -23.52
C GLU D 109 6.09 -34.84 -24.04
N LEU D 110 5.45 -33.89 -23.38
CA LEU D 110 4.19 -33.35 -23.89
C LEU D 110 4.47 -32.55 -25.16
N ARG D 111 5.58 -31.83 -25.16
CA ARG D 111 6.00 -31.05 -26.32
C ARG D 111 6.22 -31.97 -27.52
N ASP D 112 6.79 -33.15 -27.28
CA ASP D 112 7.00 -34.12 -28.33
C ASP D 112 5.67 -34.60 -28.91
N VAL D 113 4.70 -34.87 -28.04
CA VAL D 113 3.37 -35.27 -28.48
C VAL D 113 2.79 -34.24 -29.44
N ALA D 114 2.70 -33.00 -28.98
CA ALA D 114 2.17 -31.91 -29.80
C ALA D 114 2.95 -31.74 -31.11
N GLU D 115 4.29 -31.80 -31.04
CA GLU D 115 5.13 -31.59 -32.22
C GLU D 115 5.09 -32.75 -33.21
N GLY D 116 4.94 -33.97 -32.69
CA GLY D 116 4.94 -35.15 -33.54
C GLY D 116 3.54 -35.56 -33.99
N SER D 117 2.56 -34.71 -33.69
CA SER D 117 1.16 -35.04 -33.96
C SER D 117 0.89 -35.32 -35.44
N ALA D 118 0.04 -36.30 -35.70
CA ALA D 118 -0.37 -36.61 -37.08
C ALA D 118 -1.72 -35.97 -37.39
N ALA D 119 -2.13 -35.00 -36.57
CA ALA D 119 -3.38 -34.29 -36.83
C ALA D 119 -3.31 -33.67 -38.22
N ASP D 120 -4.41 -33.80 -38.97
CA ASP D 120 -4.43 -33.36 -40.35
C ASP D 120 -5.74 -32.62 -40.64
N PRO D 121 -5.76 -31.30 -40.41
CA PRO D 121 -6.99 -30.50 -40.56
C PRO D 121 -7.60 -30.55 -41.97
N GLU D 122 -6.78 -30.66 -43.00
CA GLU D 122 -7.29 -30.79 -44.36
C GLU D 122 -8.00 -32.13 -44.55
N ALA D 123 -7.34 -33.20 -44.11
CA ALA D 123 -7.93 -34.53 -44.14
C ALA D 123 -9.27 -34.55 -43.43
N LEU D 124 -9.30 -33.98 -42.23
CA LEU D 124 -10.52 -33.89 -41.44
C LEU D 124 -11.62 -33.17 -42.23
N ASP D 125 -11.27 -32.06 -42.88
CA ASP D 125 -12.22 -31.32 -43.73
C ASP D 125 -12.74 -32.15 -44.90
N ARG D 126 -11.90 -33.00 -45.47
CA ARG D 126 -12.32 -33.86 -46.57
C ARG D 126 -13.31 -34.93 -46.09
N VAL D 127 -13.05 -35.48 -44.91
CA VAL D 127 -13.94 -36.46 -44.33
C VAL D 127 -15.30 -35.82 -44.02
N GLU D 128 -15.27 -34.66 -43.38
CA GLU D 128 -16.49 -33.90 -43.12
C GLU D 128 -17.26 -33.54 -44.39
N ALA D 129 -16.53 -33.25 -45.46
CA ALA D 129 -17.18 -32.83 -46.69
C ALA D 129 -18.00 -33.98 -47.30
N ARG D 130 -17.42 -35.17 -47.30
CA ARG D 130 -18.12 -36.34 -47.83
C ARG D 130 -19.35 -36.66 -46.99
N LEU D 131 -19.20 -36.67 -45.66
CA LEU D 131 -20.33 -36.92 -44.78
C LEU D 131 -21.41 -35.86 -45.02
N SER D 132 -20.99 -34.65 -45.33
CA SER D 132 -21.94 -33.57 -45.60
C SER D 132 -22.72 -33.81 -46.89
N ALA D 133 -22.02 -34.25 -47.93
CA ALA D 133 -22.67 -34.56 -49.20
C ALA D 133 -23.71 -35.68 -49.01
N LEU D 134 -23.33 -36.71 -48.25
CA LEU D 134 -24.22 -37.84 -48.03
C LEU D 134 -25.42 -37.43 -47.17
N SER D 135 -25.18 -36.59 -46.17
N SER D 135 -25.18 -36.60 -46.16
CA SER D 135 -26.25 -36.11 -45.30
CA SER D 135 -26.24 -36.10 -45.30
C SER D 135 -27.27 -35.30 -46.09
C SER D 135 -27.28 -35.33 -46.13
N LYS D 136 -26.80 -34.49 -47.04
CA LYS D 136 -27.69 -33.70 -47.87
C LYS D 136 -28.62 -34.59 -48.73
N LEU D 137 -28.09 -35.67 -49.26
CA LEU D 137 -28.90 -36.63 -50.01
C LEU D 137 -29.91 -37.31 -49.09
N LYS D 138 -29.46 -37.70 -47.91
CA LYS D 138 -30.33 -38.38 -46.96
C LYS D 138 -31.48 -37.47 -46.53
N ASN D 139 -31.22 -36.18 -46.42
CA ASN D 139 -32.27 -35.24 -46.05
C ASN D 139 -33.31 -34.99 -47.13
N LYS D 140 -33.07 -35.51 -48.33
CA LYS D 140 -34.00 -35.32 -49.45
C LYS D 140 -34.58 -36.66 -49.89
N TYR D 141 -33.74 -37.69 -49.88
CA TYR D 141 -34.10 -38.99 -50.45
C TYR D 141 -33.94 -40.14 -49.45
N GLY D 142 -33.71 -39.80 -48.18
CA GLY D 142 -33.32 -40.75 -47.16
C GLY D 142 -34.40 -41.69 -46.64
N PRO D 143 -34.28 -42.12 -45.36
CA PRO D 143 -33.31 -41.67 -44.36
C PRO D 143 -31.94 -42.36 -44.37
N THR D 144 -31.83 -43.53 -44.98
CA THR D 144 -30.53 -44.20 -45.06
C THR D 144 -29.99 -44.11 -46.49
N LEU D 145 -28.71 -44.44 -46.66
CA LEU D 145 -28.11 -44.41 -47.99
C LEU D 145 -28.76 -45.47 -48.88
N GLU D 146 -29.20 -46.57 -48.26
CA GLU D 146 -29.93 -47.61 -48.98
C GLU D 146 -31.19 -47.00 -49.59
N ASP D 147 -31.84 -46.14 -48.81
CA ASP D 147 -33.06 -45.47 -49.24
C ASP D 147 -32.76 -44.50 -50.37
N VAL D 148 -31.65 -43.79 -50.26
CA VAL D 148 -31.24 -42.84 -51.29
C VAL D 148 -31.03 -43.55 -52.63
N VAL D 149 -30.34 -44.69 -52.58
CA VAL D 149 -30.01 -45.42 -53.80
C VAL D 149 -31.27 -45.96 -54.48
N GLU D 150 -32.22 -46.43 -53.67
CA GLU D 150 -33.47 -46.95 -54.21
C GLU D 150 -34.34 -45.83 -54.80
N PHE D 151 -34.35 -44.68 -54.14
CA PHE D 151 -35.05 -43.51 -54.67
C PHE D 151 -34.55 -43.19 -56.08
N GLY D 152 -33.24 -43.21 -56.26
CA GLY D 152 -32.64 -42.90 -57.55
C GLY D 152 -33.01 -43.93 -58.59
N ALA D 153 -33.06 -45.20 -58.16
CA ALA D 153 -33.38 -46.31 -59.06
C ALA D 153 -34.83 -46.27 -59.54
N GLN D 154 -35.73 -45.94 -58.62
CA GLN D 154 -37.15 -45.80 -58.96
C GLN D 154 -37.37 -44.56 -59.83
N ALA D 155 -36.63 -43.49 -59.56
CA ALA D 155 -36.75 -42.27 -60.36
C ALA D 155 -36.32 -42.52 -61.81
N ALA D 156 -35.24 -43.27 -61.98
CA ALA D 156 -34.73 -43.60 -63.30
C ALA D 156 -35.71 -44.47 -64.10
N GLU D 157 -36.36 -45.42 -63.43
CA GLU D 157 -37.35 -46.28 -64.08
C GLU D 157 -38.56 -45.46 -64.51
N GLU D 158 -39.03 -44.60 -63.62
CA GLU D 158 -40.17 -43.73 -63.91
C GLU D 158 -39.83 -42.79 -65.05
N LEU D 159 -38.62 -42.24 -65.02
CA LEU D 159 -38.15 -41.33 -66.07
C LEU D 159 -38.17 -41.99 -67.44
N ALA D 160 -37.68 -43.22 -67.53
CA ALA D 160 -37.64 -43.94 -68.80
C ALA D 160 -39.05 -44.18 -69.35
N GLY D 161 -39.99 -44.45 -68.45
CA GLY D 161 -41.37 -44.68 -68.85
C GLY D 161 -41.99 -43.45 -69.47
N LEU D 162 -41.68 -42.28 -68.90
CA LEU D 162 -42.24 -41.02 -69.38
C LEU D 162 -41.60 -40.59 -70.70
N GLU D 163 -40.30 -40.85 -70.86
CA GLU D 163 -39.62 -40.58 -72.12
C GLU D 163 -40.18 -41.46 -73.23
N GLU D 164 -40.54 -42.69 -72.89
CA GLU D 164 -41.17 -43.58 -73.86
C GLU D 164 -42.57 -43.07 -74.23
N ASP D 165 -43.31 -42.59 -73.24
CA ASP D 165 -44.63 -42.00 -73.48
C ASP D 165 -44.53 -40.82 -74.44
N GLU D 166 -43.57 -39.93 -74.21
CA GLU D 166 -43.32 -38.82 -75.12
C GLU D 166 -42.93 -39.32 -76.50
N ARG D 167 -42.15 -40.38 -76.53
CA ARG D 167 -41.66 -40.94 -77.79
C ARG D 167 -42.83 -41.36 -78.67
N ASP D 168 -43.86 -41.93 -78.05
CA ASP D 168 -45.06 -42.37 -78.77
C ASP D 168 -45.96 -41.19 -79.16
N ALA D 169 -45.98 -40.16 -78.33
CA ALA D 169 -46.81 -38.98 -78.59
C ALA D 169 -46.01 -37.88 -79.28
#